data_2A89
#
_entry.id   2A89
#
_cell.length_a   72.279
_cell.length_b   69.059
_cell.length_c   74.127
_cell.angle_alpha   90.00
_cell.angle_beta   94.13
_cell.angle_gamma   90.00
#
_symmetry.space_group_name_H-M   'P 1 21 1'
#
loop_
_entity.id
_entity.type
_entity.pdbx_description
1 polymer 'Monomeric sarcosine oxidase'
2 non-polymer 'CHLORIDE ION'
3 non-polymer '(N5,C4A)-(ALPHA-HYDROXY-PROPANO)-3,4,4A,5-TETRAHYDRO-FLAVIN-ADENINE DINUCLEOTIDE'
4 non-polymer 'PHOSPHATE ION'
5 water water
#
_entity_poly.entity_id   1
_entity_poly.type   'polypeptide(L)'
_entity_poly.pdbx_seq_one_letter_code
;STHFDVIVVGAGSMGMAAGYQLAKQGVKTLLVDAFDPPHTNGSHHGDTRIIRHAYGEGREYVPLALRSQELWYELEKETH
HKIFTKTGVLVFGPKGESAFVAETMEAAKEHSLTVDLLEGDEINKRWPGITVPENYNAIFEPNSGVLFSENCIRAYRELA
EARGAKVLTHTRVEDFDISPDSVKIETANGSYTADKLIVSMGAWNSKLLSKLNLDIPLQPYRQVVGFFESDESKYSNDID
FPGFMVEVPNGIYYGFPSFGGCGLKLGYHTFGQKIDPDTINREFGVYPEDESNLRAFLEEYMPGANGELKRGAVCMYTKT
LDEHFIIDLHPEHSNVVIAAGFSGHGFKFSSGVGEVLSQLALTGKTEHDISIFSINRPALKESLQKTTI
;
_entity_poly.pdbx_strand_id   A,B
#
loop_
_chem_comp.id
_chem_comp.type
_chem_comp.name
_chem_comp.formula
CL non-polymer 'CHLORIDE ION' 'Cl -1'
FCG non-polymer '(N5,C4A)-(ALPHA-HYDROXY-PROPANO)-3,4,4A,5-TETRAHYDRO-FLAVIN-ADENINE DINUCLEOTIDE' 'C30 H43 N9 O16 P2'
PO4 non-polymer 'PHOSPHATE ION' 'O4 P -3'
#
# COMPACT_ATOMS: atom_id res chain seq x y z
N SER A 1 -30.04 7.66 44.37
CA SER A 1 -31.24 6.78 44.36
C SER A 1 -32.05 6.99 43.08
N THR A 2 -31.34 7.03 41.95
CA THR A 2 -32.03 7.22 40.68
C THR A 2 -31.76 6.14 39.64
N HIS A 3 -32.79 5.35 39.43
CA HIS A 3 -32.86 4.25 38.46
C HIS A 3 -33.15 4.89 37.11
N PHE A 4 -32.77 4.20 36.04
CA PHE A 4 -33.02 4.67 34.68
C PHE A 4 -33.49 3.48 33.86
N ASP A 5 -34.16 3.74 32.74
CA ASP A 5 -34.62 2.67 31.87
C ASP A 5 -33.39 2.09 31.18
N VAL A 6 -32.55 2.98 30.67
CA VAL A 6 -31.34 2.58 29.96
C VAL A 6 -30.17 3.49 30.31
N ILE A 7 -28.99 2.89 30.45
CA ILE A 7 -27.77 3.64 30.72
C ILE A 7 -26.82 3.43 29.56
N VAL A 8 -26.29 4.52 29.03
CA VAL A 8 -25.34 4.46 27.93
C VAL A 8 -23.97 4.88 28.46
N VAL A 9 -23.00 3.98 28.39
CA VAL A 9 -21.65 4.27 28.85
C VAL A 9 -20.81 4.60 27.63
N GLY A 10 -20.42 5.86 27.50
CA GLY A 10 -19.63 6.28 26.35
C GLY A 10 -20.59 6.99 25.41
N ALA A 11 -20.75 8.30 25.62
CA ALA A 11 -21.66 9.10 24.83
C ALA A 11 -20.98 9.80 23.66
N GLY A 12 -20.33 9.02 22.81
CA GLY A 12 -19.65 9.57 21.66
C GLY A 12 -20.46 9.40 20.40
N SER A 13 -19.78 9.08 19.30
CA SER A 13 -20.44 8.89 18.02
C SER A 13 -21.64 7.96 18.10
N MET A 14 -21.42 6.77 18.65
CA MET A 14 -22.48 5.77 18.76
C MET A 14 -23.41 5.99 19.95
N GLY A 15 -22.83 6.23 21.11
CA GLY A 15 -23.62 6.43 22.31
C GLY A 15 -24.58 7.60 22.30
N MET A 16 -24.14 8.76 21.81
CA MET A 16 -25.01 9.93 21.79
C MET A 16 -26.14 9.74 20.79
N ALA A 17 -25.85 9.05 19.69
CA ALA A 17 -26.87 8.78 18.68
C ALA A 17 -27.93 7.88 19.33
N ALA A 18 -27.47 6.90 20.11
CA ALA A 18 -28.38 5.98 20.77
C ALA A 18 -29.23 6.73 21.80
N GLY A 19 -28.58 7.61 22.56
CA GLY A 19 -29.30 8.38 23.56
C GLY A 19 -30.40 9.21 22.94
N TYR A 20 -30.13 9.79 21.78
CA TYR A 20 -31.12 10.59 21.06
C TYR A 20 -32.31 9.72 20.66
N GLN A 21 -32.03 8.55 20.11
CA GLN A 21 -33.09 7.63 19.68
C GLN A 21 -33.95 7.19 20.87
N LEU A 22 -33.30 6.88 21.99
CA LEU A 22 -34.01 6.46 23.19
C LEU A 22 -34.85 7.60 23.76
N ALA A 23 -34.22 8.76 23.91
CA ALA A 23 -34.90 9.93 24.46
C ALA A 23 -36.13 10.32 23.63
N LYS A 24 -36.01 10.21 22.31
CA LYS A 24 -37.11 10.57 21.43
C LYS A 24 -38.32 9.68 21.64
N GLN A 25 -38.11 8.51 22.24
CA GLN A 25 -39.18 7.56 22.49
C GLN A 25 -39.70 7.62 23.93
N GLY A 26 -39.24 8.61 24.69
CA GLY A 26 -39.69 8.74 26.06
C GLY A 26 -39.04 7.77 27.02
N VAL A 27 -37.94 7.15 26.59
CA VAL A 27 -37.21 6.21 27.44
C VAL A 27 -36.30 6.98 28.40
N LYS A 28 -36.44 6.73 29.70
CA LYS A 28 -35.63 7.42 30.71
C LYS A 28 -34.19 6.95 30.54
N THR A 29 -33.38 7.80 29.93
CA THR A 29 -31.99 7.47 29.63
C THR A 29 -30.92 8.30 30.34
N LEU A 30 -29.84 7.63 30.73
CA LEU A 30 -28.70 8.28 31.36
C LEU A 30 -27.48 8.03 30.48
N LEU A 31 -26.81 9.09 30.08
CA LEU A 31 -25.62 8.99 29.26
C LEU A 31 -24.40 9.42 30.06
N VAL A 32 -23.44 8.52 30.22
CA VAL A 32 -22.24 8.84 31.00
C VAL A 32 -21.00 8.87 30.10
N ASP A 33 -20.19 9.91 30.26
CA ASP A 33 -18.98 10.03 29.45
C ASP A 33 -17.79 10.50 30.29
N ALA A 34 -16.62 9.97 29.96
CA ALA A 34 -15.38 10.31 30.65
C ALA A 34 -15.03 11.79 30.45
N PHE A 35 -15.56 12.37 29.39
CA PHE A 35 -15.30 13.77 29.09
C PHE A 35 -16.62 14.49 28.83
N ASP A 36 -16.61 15.46 27.93
CA ASP A 36 -17.81 16.23 27.61
C ASP A 36 -17.95 16.29 26.09
N PRO A 37 -18.66 15.30 25.50
CA PRO A 37 -18.89 15.17 24.06
C PRO A 37 -19.67 16.32 23.41
N PRO A 38 -19.20 16.79 22.23
CA PRO A 38 -18.02 16.28 21.51
C PRO A 38 -16.73 16.83 22.08
N HIS A 39 -15.68 16.00 22.07
CA HIS A 39 -14.38 16.42 22.60
C HIS A 39 -13.26 15.95 21.68
N THR A 40 -12.02 16.18 22.08
CA THR A 40 -10.88 15.78 21.25
C THR A 40 -10.03 14.65 21.80
N ASN A 41 -10.58 13.85 22.71
CA ASN A 41 -9.85 12.74 23.32
C ASN A 41 -10.26 11.38 22.73
N GLY A 42 -11.32 11.37 21.94
CA GLY A 42 -11.80 10.13 21.36
C GLY A 42 -11.54 9.91 19.89
N SER A 43 -12.55 9.40 19.19
CA SER A 43 -12.44 9.09 17.77
C SER A 43 -13.35 9.92 16.86
N HIS A 44 -13.94 10.99 17.37
CA HIS A 44 -14.87 11.78 16.57
C HIS A 44 -14.49 13.20 16.21
N HIS A 45 -13.33 13.69 16.63
CA HIS A 45 -12.98 15.06 16.28
C HIS A 45 -12.27 15.14 14.93
N GLY A 46 -11.74 16.30 14.61
CA GLY A 46 -11.10 16.46 13.31
C GLY A 46 -12.11 17.16 12.41
N ASP A 47 -13.19 17.62 13.03
N ASP A 47 -13.18 17.64 13.02
CA ASP A 47 -14.26 18.36 12.37
CA ASP A 47 -14.25 18.37 12.33
C ASP A 47 -15.11 17.62 11.34
C ASP A 47 -15.11 17.58 11.36
N THR A 48 -14.47 16.98 10.37
CA THR A 48 -15.19 16.27 9.32
C THR A 48 -15.00 14.77 9.14
N ARG A 49 -16.03 14.14 8.58
CA ARG A 49 -16.03 12.71 8.32
C ARG A 49 -16.74 12.44 6.98
N ILE A 50 -16.22 11.47 6.24
CA ILE A 50 -16.80 11.10 4.95
C ILE A 50 -17.92 10.07 5.11
N ILE A 51 -18.93 10.18 4.26
CA ILE A 51 -20.00 9.18 4.24
C ILE A 51 -20.15 8.80 2.78
N ARG A 52 -19.96 7.51 2.50
CA ARG A 52 -20.09 6.95 1.15
C ARG A 52 -21.22 5.93 1.22
N HIS A 53 -21.72 5.53 0.06
CA HIS A 53 -22.81 4.56 0.01
C HIS A 53 -22.41 3.25 -0.68
N ALA A 54 -21.51 3.33 -1.66
CA ALA A 54 -21.05 2.14 -2.38
C ALA A 54 -20.06 1.36 -1.51
N TYR A 55 -20.55 0.87 -0.38
CA TYR A 55 -19.73 0.14 0.58
C TYR A 55 -19.43 -1.29 0.20
N GLY A 56 -18.23 -1.51 -0.34
CA GLY A 56 -17.82 -2.85 -0.75
C GLY A 56 -17.35 -3.76 0.38
N GLU A 57 -17.36 -3.27 1.62
CA GLU A 57 -16.92 -4.07 2.76
C GLU A 57 -17.91 -5.22 3.04
N GLY A 58 -19.14 -5.05 2.58
CA GLY A 58 -20.16 -6.06 2.79
C GLY A 58 -21.51 -5.49 2.43
N ARG A 59 -22.37 -6.29 1.81
CA ARG A 59 -23.68 -5.81 1.40
C ARG A 59 -24.51 -5.21 2.53
N GLU A 60 -24.44 -5.81 3.72
CA GLU A 60 -25.20 -5.30 4.86
C GLU A 60 -24.90 -3.83 5.14
N TYR A 61 -23.67 -3.41 4.82
CA TYR A 61 -23.25 -2.03 5.03
C TYR A 61 -24.02 -1.00 4.21
N VAL A 62 -24.41 -1.37 2.98
CA VAL A 62 -25.13 -0.45 2.10
C VAL A 62 -26.44 0.07 2.70
N PRO A 63 -27.37 -0.83 3.07
CA PRO A 63 -28.64 -0.40 3.64
C PRO A 63 -28.43 0.49 4.88
N LEU A 64 -27.44 0.13 5.69
CA LEU A 64 -27.16 0.91 6.91
C LEU A 64 -26.65 2.29 6.53
N ALA A 65 -25.86 2.36 5.47
CA ALA A 65 -25.32 3.64 5.00
C ALA A 65 -26.46 4.52 4.48
N LEU A 66 -27.38 3.92 3.72
CA LEU A 66 -28.49 4.69 3.17
C LEU A 66 -29.45 5.14 4.26
N ARG A 67 -29.66 4.31 5.27
CA ARG A 67 -30.54 4.68 6.36
C ARG A 67 -29.86 5.80 7.15
N SER A 68 -28.55 5.68 7.34
CA SER A 68 -27.82 6.69 8.08
C SER A 68 -27.90 8.03 7.35
N GLN A 69 -27.75 8.00 6.02
CA GLN A 69 -27.83 9.23 5.23
C GLN A 69 -29.18 9.91 5.46
N GLU A 70 -30.25 9.12 5.46
CA GLU A 70 -31.57 9.71 5.67
C GLU A 70 -31.65 10.31 7.07
N LEU A 71 -31.09 9.61 8.07
CA LEU A 71 -31.10 10.11 9.44
C LEU A 71 -30.27 11.40 9.58
N TRP A 72 -29.19 11.50 8.81
CA TRP A 72 -28.36 12.70 8.86
C TRP A 72 -29.15 13.88 8.30
N TYR A 73 -29.90 13.63 7.23
CA TYR A 73 -30.72 14.68 6.63
C TYR A 73 -31.79 15.11 7.63
N GLU A 74 -32.27 14.17 8.44
CA GLU A 74 -33.28 14.50 9.44
C GLU A 74 -32.67 15.37 10.54
N LEU A 75 -31.44 15.05 10.92
CA LEU A 75 -30.75 15.81 11.96
C LEU A 75 -30.53 17.24 11.48
N GLU A 76 -30.20 17.39 10.21
CA GLU A 76 -29.98 18.71 9.62
C GLU A 76 -31.21 19.58 9.83
N LYS A 77 -32.38 19.00 9.61
CA LYS A 77 -33.63 19.73 9.75
C LYS A 77 -34.05 19.99 11.20
N GLU A 78 -33.49 19.23 12.13
CA GLU A 78 -33.84 19.38 13.54
C GLU A 78 -32.97 20.32 14.36
N THR A 79 -31.77 20.62 13.88
CA THR A 79 -30.85 21.48 14.63
C THR A 79 -30.37 22.68 13.83
N HIS A 80 -29.80 23.66 14.53
CA HIS A 80 -29.26 24.85 13.87
C HIS A 80 -27.81 24.62 13.49
N HIS A 81 -27.23 23.53 14.00
CA HIS A 81 -25.84 23.17 13.71
C HIS A 81 -25.76 22.58 12.31
N LYS A 82 -24.67 22.89 11.59
CA LYS A 82 -24.47 22.36 10.24
C LYS A 82 -24.15 20.88 10.36
N ILE A 83 -24.85 20.05 9.60
CA ILE A 83 -24.63 18.61 9.67
C ILE A 83 -23.98 17.95 8.46
N PHE A 84 -24.46 18.29 7.26
CA PHE A 84 -23.95 17.66 6.05
C PHE A 84 -23.84 18.53 4.80
N THR A 85 -22.78 18.31 4.03
CA THR A 85 -22.56 19.03 2.78
C THR A 85 -22.31 17.97 1.71
N LYS A 86 -23.03 18.06 0.59
CA LYS A 86 -22.90 17.07 -0.47
C LYS A 86 -21.74 17.37 -1.42
N THR A 87 -20.54 17.06 -0.96
CA THR A 87 -19.32 17.28 -1.75
C THR A 87 -19.16 16.16 -2.79
N GLY A 88 -19.82 15.04 -2.53
CA GLY A 88 -19.67 13.90 -3.42
C GLY A 88 -18.39 13.22 -2.92
N VAL A 89 -18.20 11.95 -3.25
CA VAL A 89 -17.00 11.24 -2.83
C VAL A 89 -16.31 10.55 -4.00
N LEU A 90 -15.04 10.89 -4.21
CA LEU A 90 -14.27 10.31 -5.29
C LEU A 90 -13.36 9.18 -4.80
N VAL A 91 -13.40 8.05 -5.49
CA VAL A 91 -12.59 6.90 -5.16
C VAL A 91 -11.79 6.52 -6.39
N PHE A 92 -10.46 6.54 -6.30
CA PHE A 92 -9.65 6.17 -7.46
C PHE A 92 -8.43 5.34 -7.08
N GLY A 93 -7.80 4.76 -8.10
CA GLY A 93 -6.64 3.93 -7.87
C GLY A 93 -6.14 3.34 -9.17
N PRO A 94 -5.04 2.57 -9.13
CA PRO A 94 -4.49 1.96 -10.35
C PRO A 94 -5.47 0.94 -10.90
N LYS A 95 -5.75 1.01 -12.20
CA LYS A 95 -6.68 0.08 -12.83
C LYS A 95 -6.26 -1.38 -12.59
N GLY A 96 -7.21 -2.17 -12.09
CA GLY A 96 -6.94 -3.58 -11.84
C GLY A 96 -5.96 -3.88 -10.72
N GLU A 97 -5.56 -2.87 -9.97
CA GLU A 97 -4.61 -3.08 -8.88
C GLU A 97 -5.15 -2.60 -7.53
N SER A 98 -6.44 -2.37 -7.43
CA SER A 98 -7.03 -1.91 -6.18
C SER A 98 -8.31 -2.64 -5.79
N ALA A 99 -8.21 -3.45 -4.75
CA ALA A 99 -9.37 -4.18 -4.27
C ALA A 99 -10.43 -3.20 -3.80
N PHE A 100 -9.97 -2.10 -3.19
CA PHE A 100 -10.88 -1.08 -2.69
C PHE A 100 -11.75 -0.49 -3.80
N VAL A 101 -11.11 -0.07 -4.90
CA VAL A 101 -11.84 0.52 -6.03
C VAL A 101 -12.79 -0.49 -6.68
N ALA A 102 -12.29 -1.69 -6.94
CA ALA A 102 -13.10 -2.73 -7.58
C ALA A 102 -14.32 -3.05 -6.71
N GLU A 103 -14.08 -3.15 -5.41
CA GLU A 103 -15.13 -3.44 -4.44
C GLU A 103 -16.19 -2.34 -4.42
N THR A 104 -15.74 -1.10 -4.52
CA THR A 104 -16.64 0.04 -4.52
C THR A 104 -17.50 0.00 -5.77
N MET A 105 -16.87 -0.23 -6.91
CA MET A 105 -17.59 -0.31 -8.18
C MET A 105 -18.60 -1.45 -8.18
N GLU A 106 -18.23 -2.59 -7.62
CA GLU A 106 -19.14 -3.72 -7.56
C GLU A 106 -20.34 -3.38 -6.68
N ALA A 107 -20.09 -2.79 -5.52
CA ALA A 107 -21.15 -2.40 -4.60
C ALA A 107 -22.12 -1.44 -5.28
N ALA A 108 -21.57 -0.49 -6.04
CA ALA A 108 -22.40 0.48 -6.75
C ALA A 108 -23.35 -0.21 -7.72
N LYS A 109 -22.81 -1.14 -8.51
CA LYS A 109 -23.61 -1.88 -9.47
C LYS A 109 -24.67 -2.72 -8.79
N GLU A 110 -24.26 -3.52 -7.80
CA GLU A 110 -25.18 -4.39 -7.10
C GLU A 110 -26.34 -3.69 -6.42
N HIS A 111 -26.14 -2.43 -6.03
CA HIS A 111 -27.23 -1.71 -5.38
C HIS A 111 -27.84 -0.57 -6.18
N SER A 112 -27.54 -0.55 -7.48
N SER A 112 -27.55 -0.55 -7.48
CA SER A 112 -28.07 0.48 -8.36
CA SER A 112 -28.09 0.48 -8.36
C SER A 112 -27.83 1.88 -7.82
C SER A 112 -27.83 1.88 -7.81
N LEU A 113 -26.60 2.15 -7.39
CA LEU A 113 -26.27 3.46 -6.88
C LEU A 113 -25.86 4.34 -8.05
N THR A 114 -26.19 5.62 -7.96
CA THR A 114 -25.86 6.59 -9.00
C THR A 114 -24.40 7.01 -8.84
N VAL A 115 -23.58 6.65 -9.82
CA VAL A 115 -22.17 6.99 -9.78
C VAL A 115 -21.63 7.31 -11.16
N ASP A 116 -20.46 7.94 -11.21
CA ASP A 116 -19.81 8.29 -12.46
C ASP A 116 -18.54 7.46 -12.53
N LEU A 117 -18.26 6.89 -13.69
CA LEU A 117 -17.05 6.10 -13.88
C LEU A 117 -16.16 6.85 -14.85
N LEU A 118 -14.92 7.09 -14.47
CA LEU A 118 -13.98 7.78 -15.34
C LEU A 118 -12.56 7.30 -15.08
N GLU A 119 -11.66 7.57 -16.02
CA GLU A 119 -10.29 7.13 -15.85
C GLU A 119 -9.25 8.01 -16.53
N GLY A 120 -8.03 7.90 -16.04
CA GLY A 120 -6.93 8.66 -16.61
C GLY A 120 -7.15 10.16 -16.62
N ASP A 121 -6.84 10.76 -17.77
CA ASP A 121 -6.95 12.20 -17.95
C ASP A 121 -8.33 12.76 -17.64
N GLU A 122 -9.38 11.94 -17.75
CA GLU A 122 -10.73 12.42 -17.48
C GLU A 122 -10.84 12.89 -16.03
N ILE A 123 -10.12 12.22 -15.14
CA ILE A 123 -10.13 12.57 -13.73
C ILE A 123 -9.47 13.92 -13.55
N ASN A 124 -8.29 14.07 -14.15
CA ASN A 124 -7.53 15.31 -14.06
C ASN A 124 -8.30 16.49 -14.66
N LYS A 125 -9.01 16.23 -15.76
CA LYS A 125 -9.77 17.28 -16.43
C LYS A 125 -11.01 17.70 -15.64
N ARG A 126 -11.77 16.74 -15.13
CA ARG A 126 -12.97 17.07 -14.37
C ARG A 126 -12.66 17.83 -13.09
N TRP A 127 -11.59 17.43 -12.40
CA TRP A 127 -11.23 18.08 -11.15
C TRP A 127 -9.82 18.66 -11.16
N PRO A 128 -9.67 19.91 -11.64
CA PRO A 128 -8.34 20.50 -11.65
C PRO A 128 -7.80 20.44 -10.21
N GLY A 129 -6.53 20.08 -10.05
CA GLY A 129 -5.97 19.98 -8.72
C GLY A 129 -5.61 18.54 -8.42
N ILE A 130 -6.17 17.62 -9.21
CA ILE A 130 -5.90 16.20 -9.04
C ILE A 130 -5.03 15.74 -10.20
N THR A 131 -3.91 15.09 -9.90
CA THR A 131 -3.02 14.61 -10.94
C THR A 131 -2.71 13.14 -10.71
N VAL A 132 -3.38 12.29 -11.48
CA VAL A 132 -3.18 10.85 -11.38
C VAL A 132 -2.63 10.35 -12.71
N PRO A 133 -1.89 9.24 -12.68
CA PRO A 133 -1.33 8.67 -13.91
C PRO A 133 -2.47 8.23 -14.83
N GLU A 134 -2.18 8.08 -16.11
CA GLU A 134 -3.21 7.67 -17.06
C GLU A 134 -3.77 6.28 -16.81
N ASN A 135 -3.04 5.44 -16.07
CA ASN A 135 -3.51 4.09 -15.82
C ASN A 135 -4.40 4.00 -14.57
N TYR A 136 -4.86 5.14 -14.09
CA TYR A 136 -5.72 5.18 -12.92
C TYR A 136 -7.18 5.28 -13.36
N ASN A 137 -8.07 4.67 -12.59
CA ASN A 137 -9.49 4.75 -12.92
C ASN A 137 -10.20 5.22 -11.67
N ALA A 138 -11.46 5.61 -11.79
CA ALA A 138 -12.17 6.10 -10.62
C ALA A 138 -13.68 5.93 -10.69
N ILE A 139 -14.30 6.01 -9.53
CA ILE A 139 -15.74 5.94 -9.41
C ILE A 139 -16.12 7.09 -8.49
N PHE A 140 -17.03 7.93 -8.97
CA PHE A 140 -17.48 9.10 -8.21
C PHE A 140 -18.93 8.96 -7.76
N GLU A 141 -19.16 9.22 -6.48
CA GLU A 141 -20.50 9.19 -5.88
C GLU A 141 -20.94 10.63 -5.66
N PRO A 142 -21.75 11.18 -6.56
CA PRO A 142 -22.18 12.57 -6.36
C PRO A 142 -23.09 12.86 -5.17
N ASN A 143 -23.83 11.86 -4.71
CA ASN A 143 -24.75 12.06 -3.59
C ASN A 143 -24.21 11.75 -2.20
N SER A 144 -22.93 11.39 -2.13
CA SER A 144 -22.29 11.12 -0.84
C SER A 144 -21.70 12.44 -0.43
N GLY A 145 -21.08 12.51 0.74
CA GLY A 145 -20.53 13.79 1.14
C GLY A 145 -19.77 13.82 2.43
N VAL A 146 -19.85 14.98 3.09
CA VAL A 146 -19.14 15.21 4.32
C VAL A 146 -20.04 15.58 5.50
N LEU A 147 -19.77 14.93 6.63
CA LEU A 147 -20.52 15.17 7.86
C LEU A 147 -19.62 15.97 8.78
N PHE A 148 -20.22 16.88 9.54
CA PHE A 148 -19.48 17.66 10.52
C PHE A 148 -19.76 16.89 11.79
N SER A 149 -18.90 15.90 12.04
CA SER A 149 -18.99 14.98 13.16
C SER A 149 -19.19 15.56 14.55
N GLU A 150 -18.45 16.60 14.90
CA GLU A 150 -18.61 17.22 16.22
C GLU A 150 -20.00 17.85 16.34
N ASN A 151 -20.48 18.45 15.26
CA ASN A 151 -21.82 19.06 15.25
C ASN A 151 -22.91 17.99 15.40
N CYS A 152 -22.68 16.82 14.79
CA CYS A 152 -23.66 15.73 14.88
C CYS A 152 -23.85 15.30 16.33
N ILE A 153 -22.74 15.04 17.03
CA ILE A 153 -22.81 14.63 18.43
C ILE A 153 -23.38 15.74 19.30
N ARG A 154 -22.97 16.98 19.03
CA ARG A 154 -23.45 18.12 19.79
C ARG A 154 -24.96 18.27 19.59
N ALA A 155 -25.42 18.16 18.35
CA ALA A 155 -26.84 18.27 18.04
C ALA A 155 -27.63 17.15 18.71
N TYR A 156 -27.15 15.93 18.59
CA TYR A 156 -27.84 14.79 19.21
C TYR A 156 -27.92 14.98 20.71
N ARG A 157 -26.86 15.53 21.31
CA ARG A 157 -26.88 15.72 22.75
C ARG A 157 -27.89 16.78 23.17
N GLU A 158 -27.86 17.92 22.50
CA GLU A 158 -28.79 18.99 22.81
C GLU A 158 -30.22 18.51 22.65
N LEU A 159 -30.48 17.75 21.58
CA LEU A 159 -31.83 17.25 21.35
C LEU A 159 -32.22 16.20 22.40
N ALA A 160 -31.31 15.31 22.72
CA ALA A 160 -31.58 14.27 23.71
C ALA A 160 -31.85 14.88 25.09
N GLU A 161 -30.99 15.80 25.51
CA GLU A 161 -31.17 16.44 26.81
C GLU A 161 -32.48 17.20 26.89
N ALA A 162 -32.84 17.90 25.81
CA ALA A 162 -34.08 18.66 25.79
C ALA A 162 -35.28 17.73 26.00
N ARG A 163 -35.12 16.46 25.62
CA ARG A 163 -36.21 15.51 25.79
C ARG A 163 -36.16 14.72 27.07
N GLY A 164 -35.26 15.10 27.98
CA GLY A 164 -35.20 14.41 29.26
C GLY A 164 -33.99 13.55 29.55
N ALA A 165 -33.19 13.25 28.53
CA ALA A 165 -32.01 12.43 28.76
C ALA A 165 -31.05 13.18 29.67
N LYS A 166 -30.42 12.46 30.59
CA LYS A 166 -29.47 13.05 31.52
C LYS A 166 -28.06 12.71 31.05
N VAL A 167 -27.19 13.72 31.01
CA VAL A 167 -25.82 13.50 30.57
C VAL A 167 -24.86 13.81 31.71
N LEU A 168 -24.12 12.80 32.13
CA LEU A 168 -23.15 12.94 33.21
C LEU A 168 -21.77 13.00 32.56
N THR A 169 -21.16 14.19 32.59
CA THR A 169 -19.86 14.41 31.97
C THR A 169 -18.67 14.20 32.92
N HIS A 170 -17.48 14.11 32.33
CA HIS A 170 -16.25 13.95 33.09
C HIS A 170 -16.35 12.88 34.16
N THR A 171 -17.02 11.78 33.82
CA THR A 171 -17.21 10.67 34.74
C THR A 171 -16.84 9.37 34.06
N ARG A 172 -15.69 8.81 34.42
CA ARG A 172 -15.22 7.57 33.83
C ARG A 172 -15.77 6.34 34.54
N VAL A 173 -16.49 5.51 33.80
CA VAL A 173 -17.04 4.28 34.38
C VAL A 173 -15.87 3.33 34.56
N GLU A 174 -15.78 2.72 35.74
CA GLU A 174 -14.68 1.81 36.06
C GLU A 174 -15.04 0.34 36.14
N ASP A 175 -16.30 0.04 36.45
CA ASP A 175 -16.69 -1.35 36.54
C ASP A 175 -18.19 -1.51 36.31
N PHE A 176 -18.62 -2.74 36.06
CA PHE A 176 -20.01 -3.04 35.79
C PHE A 176 -20.52 -4.20 36.65
N ASP A 177 -21.77 -4.09 37.11
CA ASP A 177 -22.37 -5.14 37.92
C ASP A 177 -23.64 -5.55 37.18
N ILE A 178 -23.59 -6.67 36.47
CA ILE A 178 -24.74 -7.14 35.70
C ILE A 178 -25.51 -8.29 36.35
N SER A 179 -26.82 -8.15 36.39
N SER A 179 -26.83 -8.15 36.38
CA SER A 179 -27.67 -9.19 36.96
CA SER A 179 -27.70 -9.16 36.95
C SER A 179 -28.70 -9.58 35.89
C SER A 179 -28.72 -9.58 35.89
N PRO A 180 -29.42 -10.70 36.11
CA PRO A 180 -30.41 -11.12 35.11
C PRO A 180 -31.52 -10.10 34.79
N ASP A 181 -31.83 -9.21 35.73
CA ASP A 181 -32.89 -8.24 35.49
C ASP A 181 -32.51 -6.77 35.70
N SER A 182 -31.22 -6.47 35.80
CA SER A 182 -30.78 -5.10 35.99
C SER A 182 -29.30 -4.93 35.71
N VAL A 183 -28.88 -3.68 35.53
CA VAL A 183 -27.49 -3.36 35.26
C VAL A 183 -27.10 -2.23 36.22
N LYS A 184 -25.82 -2.18 36.57
CA LYS A 184 -25.34 -1.13 37.48
C LYS A 184 -23.92 -0.75 37.10
N ILE A 185 -23.61 0.54 37.06
CA ILE A 185 -22.26 0.98 36.72
C ILE A 185 -21.63 1.66 37.93
N GLU A 186 -20.30 1.65 37.98
CA GLU A 186 -19.57 2.26 39.08
C GLU A 186 -18.63 3.35 38.57
N THR A 187 -18.73 4.55 39.15
CA THR A 187 -17.89 5.68 38.76
C THR A 187 -17.42 6.43 40.01
N ALA A 188 -16.46 7.33 39.83
CA ALA A 188 -15.95 8.10 40.96
C ALA A 188 -17.02 9.07 41.44
N ASN A 189 -18.01 9.31 40.57
CA ASN A 189 -19.09 10.21 40.90
C ASN A 189 -20.33 9.48 41.41
N GLY A 190 -20.22 8.18 41.58
CA GLY A 190 -21.34 7.40 42.08
C GLY A 190 -21.77 6.22 41.23
N SER A 191 -22.68 5.40 41.76
N SER A 191 -22.68 5.40 41.76
CA SER A 191 -23.21 4.23 41.07
CA SER A 191 -23.20 4.24 41.08
C SER A 191 -24.63 4.51 40.58
C SER A 191 -24.63 4.48 40.60
N TYR A 192 -24.99 3.87 39.47
CA TYR A 192 -26.29 4.03 38.84
C TYR A 192 -26.82 2.68 38.35
N THR A 193 -28.14 2.51 38.37
CA THR A 193 -28.76 1.27 37.93
C THR A 193 -29.79 1.52 36.83
N ALA A 194 -30.10 0.47 36.08
CA ALA A 194 -31.07 0.57 35.01
C ALA A 194 -31.50 -0.83 34.59
N ASP A 195 -32.43 -0.92 33.65
CA ASP A 195 -32.90 -2.20 33.15
C ASP A 195 -32.00 -2.68 32.02
N LYS A 196 -31.46 -1.74 31.26
CA LYS A 196 -30.60 -2.08 30.12
C LYS A 196 -29.33 -1.24 30.09
N LEU A 197 -28.29 -1.78 29.46
CA LEU A 197 -27.02 -1.09 29.35
C LEU A 197 -26.47 -1.12 27.93
N ILE A 198 -25.95 0.02 27.49
CA ILE A 198 -25.33 0.11 26.18
C ILE A 198 -23.88 0.50 26.43
N VAL A 199 -22.95 -0.29 25.90
CA VAL A 199 -21.53 -0.03 26.08
C VAL A 199 -20.90 0.41 24.75
N SER A 200 -20.42 1.64 24.71
CA SER A 200 -19.82 2.19 23.50
C SER A 200 -18.72 3.17 23.89
N MET A 201 -17.64 2.64 24.47
CA MET A 201 -16.52 3.44 24.94
C MET A 201 -15.40 3.68 23.94
N GLY A 202 -15.63 3.37 22.67
CA GLY A 202 -14.61 3.59 21.66
C GLY A 202 -13.29 2.88 21.91
N ALA A 203 -12.19 3.62 21.83
CA ALA A 203 -10.85 3.06 22.04
C ALA A 203 -10.72 2.39 23.40
N TRP A 204 -11.50 2.84 24.37
CA TRP A 204 -11.43 2.28 25.70
C TRP A 204 -12.12 0.93 25.83
N ASN A 205 -12.85 0.52 24.80
CA ASN A 205 -13.52 -0.78 24.80
C ASN A 205 -12.43 -1.85 24.90
N SER A 206 -11.28 -1.60 24.27
CA SER A 206 -10.17 -2.54 24.27
C SER A 206 -9.54 -2.74 25.64
N LYS A 207 -9.95 -1.92 26.61
CA LYS A 207 -9.41 -2.02 27.96
C LYS A 207 -10.44 -2.34 29.02
N LEU A 208 -11.69 -1.97 28.78
CA LEU A 208 -12.74 -2.18 29.77
C LEU A 208 -13.78 -3.26 29.51
N LEU A 209 -13.79 -3.85 28.32
CA LEU A 209 -14.76 -4.91 28.05
C LEU A 209 -14.40 -6.14 28.90
N SER A 210 -13.17 -6.19 29.38
CA SER A 210 -12.74 -7.31 30.20
C SER A 210 -13.53 -7.27 31.51
N LYS A 211 -14.00 -6.09 31.89
CA LYS A 211 -14.80 -5.93 33.10
C LYS A 211 -16.19 -6.52 32.89
N LEU A 212 -16.45 -6.97 31.68
CA LEU A 212 -17.73 -7.59 31.33
C LEU A 212 -17.50 -9.03 30.94
N ASN A 213 -16.39 -9.59 31.42
CA ASN A 213 -16.02 -10.98 31.16
C ASN A 213 -15.83 -11.27 29.67
N LEU A 214 -15.47 -10.24 28.91
CA LEU A 214 -15.26 -10.40 27.47
C LEU A 214 -13.80 -10.26 27.09
N ASP A 215 -13.32 -11.17 26.26
CA ASP A 215 -11.94 -11.16 25.80
C ASP A 215 -11.97 -11.05 24.28
N ILE A 216 -11.97 -9.81 23.79
CA ILE A 216 -12.03 -9.58 22.36
C ILE A 216 -10.85 -8.77 21.85
N PRO A 217 -10.10 -9.32 20.87
CA PRO A 217 -8.94 -8.59 20.35
C PRO A 217 -9.37 -7.27 19.72
N LEU A 218 -8.97 -6.16 20.35
CA LEU A 218 -9.27 -4.83 19.85
C LEU A 218 -7.98 -4.02 19.95
N GLN A 219 -7.53 -3.46 18.84
CA GLN A 219 -6.30 -2.69 18.82
C GLN A 219 -6.51 -1.22 18.46
N PRO A 220 -6.21 -0.32 19.41
CA PRO A 220 -6.37 1.12 19.14
C PRO A 220 -5.17 1.61 18.31
N TYR A 221 -5.43 2.52 17.38
CA TYR A 221 -4.39 3.07 16.52
C TYR A 221 -4.41 4.60 16.55
N ARG A 222 -3.23 5.20 16.54
CA ARG A 222 -3.10 6.64 16.53
C ARG A 222 -3.18 7.06 15.06
N GLN A 223 -4.18 7.86 14.73
CA GLN A 223 -4.39 8.31 13.35
C GLN A 223 -4.49 9.83 13.28
N VAL A 224 -3.53 10.44 12.58
CA VAL A 224 -3.51 11.88 12.45
C VAL A 224 -4.07 12.36 11.12
N VAL A 225 -4.44 13.63 11.09
CA VAL A 225 -4.94 14.29 9.89
C VAL A 225 -4.34 15.68 9.89
N GLY A 226 -4.16 16.26 8.70
CA GLY A 226 -3.60 17.58 8.62
C GLY A 226 -4.34 18.46 7.64
N PHE A 227 -4.40 19.76 7.93
CA PHE A 227 -5.05 20.76 7.08
C PHE A 227 -3.92 21.54 6.43
N PHE A 228 -3.94 21.64 5.10
CA PHE A 228 -2.90 22.33 4.36
C PHE A 228 -3.41 23.49 3.52
N GLU A 229 -2.65 24.59 3.50
CA GLU A 229 -3.03 25.76 2.71
C GLU A 229 -3.02 25.27 1.27
N SER A 230 -4.13 25.49 0.55
CA SER A 230 -4.23 25.01 -0.83
C SER A 230 -4.72 26.07 -1.81
N ASP A 231 -4.62 25.74 -3.09
CA ASP A 231 -5.09 26.62 -4.16
C ASP A 231 -6.61 26.53 -4.10
N GLU A 232 -7.23 27.56 -3.53
CA GLU A 232 -8.68 27.59 -3.38
C GLU A 232 -9.45 27.52 -4.69
N SER A 233 -8.86 28.00 -5.78
CA SER A 233 -9.54 27.96 -7.06
C SER A 233 -9.65 26.51 -7.55
N LYS A 234 -9.03 25.59 -6.82
CA LYS A 234 -9.06 24.18 -7.21
C LYS A 234 -9.61 23.25 -6.13
N TYR A 235 -9.17 23.44 -4.89
CA TYR A 235 -9.58 22.53 -3.82
C TYR A 235 -10.71 22.96 -2.90
N SER A 236 -11.37 24.08 -3.20
CA SER A 236 -12.47 24.55 -2.39
C SER A 236 -13.76 23.79 -2.65
N ASN A 237 -14.54 23.57 -1.60
CA ASN A 237 -15.82 22.89 -1.74
C ASN A 237 -16.68 23.75 -2.68
N ASP A 238 -16.43 25.05 -2.65
CA ASP A 238 -17.16 26.01 -3.47
C ASP A 238 -16.98 25.76 -4.96
N ILE A 239 -15.84 25.17 -5.34
CA ILE A 239 -15.60 24.87 -6.75
C ILE A 239 -15.77 23.38 -6.98
N ASP A 240 -16.55 22.76 -6.11
CA ASP A 240 -16.87 21.33 -6.16
C ASP A 240 -15.75 20.30 -6.07
N PHE A 241 -14.67 20.63 -5.37
CA PHE A 241 -13.62 19.63 -5.21
C PHE A 241 -14.29 18.63 -4.27
N PRO A 242 -14.23 17.33 -4.60
CA PRO A 242 -14.85 16.29 -3.78
C PRO A 242 -14.10 15.76 -2.58
N GLY A 243 -14.83 15.04 -1.73
CA GLY A 243 -14.21 14.39 -0.60
C GLY A 243 -13.64 13.17 -1.30
N PHE A 244 -12.69 12.48 -0.70
CA PHE A 244 -12.11 11.32 -1.37
C PHE A 244 -11.48 10.29 -0.45
N MET A 245 -11.36 9.09 -0.98
CA MET A 245 -10.74 7.96 -0.29
C MET A 245 -10.17 7.15 -1.44
N VAL A 246 -8.85 7.04 -1.49
CA VAL A 246 -8.21 6.35 -2.59
C VAL A 246 -7.14 5.36 -2.19
N GLU A 247 -6.82 4.44 -3.09
CA GLU A 247 -5.79 3.46 -2.82
C GLU A 247 -4.68 3.57 -3.85
N VAL A 248 -3.47 3.81 -3.36
CA VAL A 248 -2.28 3.94 -4.19
C VAL A 248 -1.34 2.82 -3.74
N PRO A 249 -0.23 2.62 -4.47
CA PRO A 249 0.71 1.56 -4.11
C PRO A 249 1.06 1.43 -2.63
N ASN A 250 1.24 2.55 -1.94
CA ASN A 250 1.61 2.47 -0.53
C ASN A 250 0.50 2.61 0.51
N GLY A 251 -0.74 2.40 0.09
CA GLY A 251 -1.84 2.48 1.03
C GLY A 251 -3.07 3.28 0.63
N ILE A 252 -3.97 3.45 1.58
CA ILE A 252 -5.21 4.18 1.39
C ILE A 252 -5.18 5.54 2.09
N TYR A 253 -5.61 6.57 1.38
CA TYR A 253 -5.63 7.93 1.92
C TYR A 253 -7.03 8.51 1.71
N TYR A 254 -7.44 9.40 2.60
CA TYR A 254 -8.74 10.05 2.48
C TYR A 254 -8.57 11.55 2.66
N GLY A 255 -9.50 12.31 2.09
CA GLY A 255 -9.39 13.76 2.20
C GLY A 255 -10.69 14.51 2.02
N PHE A 256 -10.63 15.80 2.32
CA PHE A 256 -11.79 16.66 2.26
C PHE A 256 -11.44 17.97 1.57
N PRO A 257 -12.39 18.56 0.85
CA PRO A 257 -12.09 19.82 0.17
C PRO A 257 -11.96 20.91 1.23
N SER A 258 -11.39 22.05 0.86
CA SER A 258 -11.24 23.16 1.79
C SER A 258 -12.59 23.83 1.99
N PHE A 259 -13.03 23.95 3.25
CA PHE A 259 -14.30 24.60 3.56
C PHE A 259 -14.03 26.00 4.10
N GLY A 260 -14.56 27.01 3.41
CA GLY A 260 -14.35 28.37 3.85
C GLY A 260 -12.87 28.69 4.00
N GLY A 261 -12.08 28.18 3.07
CA GLY A 261 -10.64 28.42 3.09
C GLY A 261 -9.87 27.79 4.23
N CYS A 262 -10.43 26.76 4.88
CA CYS A 262 -9.76 26.10 6.00
C CYS A 262 -8.57 25.26 5.51
N GLY A 263 -8.55 24.96 4.22
CA GLY A 263 -7.47 24.16 3.65
C GLY A 263 -7.89 22.71 3.45
N LEU A 264 -7.30 22.05 2.46
CA LEU A 264 -7.61 20.66 2.21
C LEU A 264 -7.14 19.83 3.40
N LYS A 265 -7.95 18.86 3.80
CA LYS A 265 -7.61 18.01 4.93
C LYS A 265 -7.29 16.61 4.41
N LEU A 266 -6.21 16.02 4.90
CA LEU A 266 -5.79 14.70 4.46
C LEU A 266 -5.41 13.77 5.60
N GLY A 267 -5.64 12.47 5.38
CA GLY A 267 -5.32 11.47 6.37
C GLY A 267 -4.82 10.19 5.70
N TYR A 268 -3.92 9.49 6.37
CA TYR A 268 -3.35 8.23 5.88
C TYR A 268 -4.11 7.14 6.65
N HIS A 269 -4.94 6.40 5.93
CA HIS A 269 -5.81 5.37 6.52
C HIS A 269 -5.23 4.01 6.92
N THR A 270 -4.37 3.45 6.08
CA THR A 270 -3.80 2.12 6.33
C THR A 270 -2.64 2.01 7.32
N PHE A 271 -2.13 3.14 7.78
CA PHE A 271 -1.04 3.11 8.75
C PHE A 271 -1.35 3.99 9.96
N GLY A 272 -0.92 3.53 11.13
CA GLY A 272 -1.10 4.27 12.36
C GLY A 272 -0.30 3.60 13.45
N GLN A 273 0.11 4.35 14.48
CA GLN A 273 0.88 3.74 15.57
C GLN A 273 -0.06 3.00 16.51
N LYS A 274 0.35 1.81 16.96
CA LYS A 274 -0.47 1.06 17.90
C LYS A 274 -0.29 1.76 19.24
N ILE A 275 -1.39 2.14 19.88
CA ILE A 275 -1.31 2.83 21.14
C ILE A 275 -2.35 2.37 22.16
N ASP A 276 -2.36 3.05 23.30
CA ASP A 276 -3.30 2.80 24.38
C ASP A 276 -3.98 4.16 24.55
N PRO A 277 -5.32 4.18 24.60
CA PRO A 277 -6.05 5.45 24.74
C PRO A 277 -5.68 6.31 25.94
N ASP A 278 -5.03 5.72 26.94
CA ASP A 278 -4.66 6.49 28.12
C ASP A 278 -3.24 7.03 28.08
N THR A 279 -2.43 6.58 27.11
CA THR A 279 -1.04 7.05 27.03
C THR A 279 -0.64 7.57 25.65
N ILE A 280 -1.60 7.63 24.74
CA ILE A 280 -1.35 8.11 23.38
C ILE A 280 -0.92 9.58 23.42
N ASN A 281 0.02 9.95 22.55
CA ASN A 281 0.48 11.33 22.47
C ASN A 281 -0.39 12.02 21.43
N ARG A 282 -1.23 12.96 21.89
CA ARG A 282 -2.15 13.66 20.99
C ARG A 282 -1.62 14.94 20.35
N GLU A 283 -0.32 15.10 20.31
CA GLU A 283 0.26 16.27 19.67
C GLU A 283 0.68 15.91 18.25
N PHE A 284 0.19 16.68 17.28
CA PHE A 284 0.52 16.40 15.90
C PHE A 284 1.95 16.85 15.58
N GLY A 285 2.72 15.96 14.95
CA GLY A 285 4.08 16.29 14.58
C GLY A 285 5.20 15.66 15.38
N VAL A 286 4.88 15.00 16.49
CA VAL A 286 5.92 14.38 17.32
C VAL A 286 6.59 13.21 16.60
N TYR A 287 5.91 12.67 15.60
CA TYR A 287 6.45 11.57 14.80
C TYR A 287 6.69 12.18 13.42
N PRO A 288 7.86 11.93 12.83
CA PRO A 288 8.09 12.51 11.51
C PRO A 288 7.06 12.05 10.48
N GLU A 289 6.50 10.85 10.67
CA GLU A 289 5.50 10.32 9.74
C GLU A 289 4.21 11.14 9.70
N ASP A 290 3.86 11.76 10.82
CA ASP A 290 2.63 12.56 10.89
C ASP A 290 2.46 13.46 9.67
N GLU A 291 3.45 14.30 9.43
CA GLU A 291 3.40 15.24 8.32
C GLU A 291 4.00 14.71 7.02
N SER A 292 5.11 13.97 7.10
CA SER A 292 5.75 13.46 5.89
C SER A 292 4.88 12.49 5.07
N ASN A 293 4.17 11.59 5.74
CA ASN A 293 3.31 10.63 5.03
C ASN A 293 2.23 11.36 4.23
N LEU A 294 1.71 12.45 4.78
CA LEU A 294 0.68 13.21 4.10
C LEU A 294 1.24 13.97 2.90
N ARG A 295 2.34 14.69 3.10
CA ARG A 295 2.94 15.46 2.01
C ARG A 295 3.42 14.58 0.86
N ALA A 296 3.83 13.35 1.15
CA ALA A 296 4.29 12.44 0.12
C ALA A 296 3.16 12.16 -0.86
N PHE A 297 1.95 12.07 -0.33
CA PHE A 297 0.76 11.83 -1.15
C PHE A 297 0.39 13.08 -1.95
N LEU A 298 0.35 14.22 -1.27
CA LEU A 298 -0.02 15.48 -1.90
C LEU A 298 0.89 15.91 -3.05
N GLU A 299 2.20 15.87 -2.85
CA GLU A 299 3.10 16.30 -3.93
C GLU A 299 2.93 15.48 -5.19
N GLU A 300 2.51 14.23 -5.03
CA GLU A 300 2.32 13.35 -6.18
C GLU A 300 0.94 13.43 -6.83
N TYR A 301 -0.11 13.46 -6.00
CA TYR A 301 -1.48 13.46 -6.52
C TYR A 301 -2.29 14.76 -6.46
N MET A 302 -1.94 15.65 -5.55
CA MET A 302 -2.65 16.92 -5.41
C MET A 302 -1.63 17.98 -4.99
N PRO A 303 -0.64 18.25 -5.86
CA PRO A 303 0.43 19.22 -5.60
C PRO A 303 -0.02 20.63 -5.21
N GLY A 304 -1.16 21.07 -5.70
CA GLY A 304 -1.65 22.40 -5.36
C GLY A 304 -2.16 22.52 -3.94
N ALA A 305 -2.26 21.39 -3.24
CA ALA A 305 -2.74 21.37 -1.86
C ALA A 305 -1.63 21.04 -0.87
N ASN A 306 -0.39 21.08 -1.35
CA ASN A 306 0.78 20.77 -0.52
C ASN A 306 1.38 22.03 0.10
N GLY A 307 0.52 22.91 0.59
CA GLY A 307 1.00 24.16 1.19
C GLY A 307 1.36 24.07 2.66
N GLU A 308 1.40 25.22 3.32
CA GLU A 308 1.74 25.29 4.73
C GLU A 308 0.72 24.56 5.61
N LEU A 309 1.22 23.84 6.60
CA LEU A 309 0.35 23.11 7.53
C LEU A 309 -0.40 24.12 8.39
N LYS A 310 -1.72 24.14 8.28
CA LYS A 310 -2.54 25.08 9.03
C LYS A 310 -3.04 24.52 10.35
N ARG A 311 -3.27 23.22 10.40
CA ARG A 311 -3.80 22.58 11.59
C ARG A 311 -3.59 21.08 11.55
N GLY A 312 -3.48 20.48 12.74
CA GLY A 312 -3.31 19.04 12.82
C GLY A 312 -4.16 18.48 13.94
N ALA A 313 -4.51 17.21 13.86
CA ALA A 313 -5.32 16.58 14.90
C ALA A 313 -4.86 15.14 15.07
N VAL A 314 -4.97 14.63 16.29
CA VAL A 314 -4.59 13.25 16.57
C VAL A 314 -5.84 12.55 17.08
N CYS A 315 -6.23 11.50 16.39
CA CYS A 315 -7.45 10.76 16.73
C CYS A 315 -7.19 9.25 16.72
N MET A 316 -8.18 8.44 17.09
CA MET A 316 -7.97 7.00 17.17
C MET A 316 -8.96 6.08 16.44
N TYR A 317 -8.43 4.95 15.95
CA TYR A 317 -9.19 3.90 15.30
C TYR A 317 -9.16 2.76 16.31
N THR A 318 -10.18 1.90 16.31
CA THR A 318 -10.20 0.74 17.19
C THR A 318 -10.54 -0.43 16.27
N LYS A 319 -9.52 -1.19 15.90
CA LYS A 319 -9.70 -2.31 14.97
C LYS A 319 -9.95 -3.70 15.54
N THR A 320 -10.84 -4.42 14.86
CA THR A 320 -11.13 -5.81 15.19
C THR A 320 -10.27 -6.55 14.17
N LEU A 321 -10.10 -7.86 14.33
CA LEU A 321 -9.26 -8.62 13.40
C LEU A 321 -9.73 -8.61 11.95
N ASP A 322 -11.04 -8.62 11.73
CA ASP A 322 -11.58 -8.62 10.36
C ASP A 322 -12.00 -7.22 9.90
N GLU A 323 -11.80 -6.23 10.77
CA GLU A 323 -12.16 -4.85 10.51
C GLU A 323 -13.64 -4.56 10.33
N HIS A 324 -14.48 -5.46 10.82
CA HIS A 324 -15.93 -5.28 10.78
C HIS A 324 -16.33 -4.87 12.19
N PHE A 325 -17.44 -4.16 12.33
CA PHE A 325 -17.88 -3.71 13.64
C PHE A 325 -18.39 -4.82 14.55
N ILE A 326 -18.63 -4.45 15.79
CA ILE A 326 -19.20 -5.34 16.79
C ILE A 326 -20.46 -4.61 17.27
N ILE A 327 -21.62 -5.16 16.92
CA ILE A 327 -22.90 -4.61 17.32
C ILE A 327 -23.74 -5.82 17.66
N ASP A 328 -23.95 -6.07 18.94
CA ASP A 328 -24.67 -7.26 19.34
C ASP A 328 -24.95 -7.22 20.83
N LEU A 329 -25.72 -8.18 21.31
CA LEU A 329 -26.01 -8.25 22.73
C LEU A 329 -24.86 -9.01 23.36
N HIS A 330 -24.59 -8.74 24.62
CA HIS A 330 -23.54 -9.44 25.34
C HIS A 330 -24.00 -10.90 25.36
N PRO A 331 -23.14 -11.82 24.92
CA PRO A 331 -23.50 -13.25 24.89
C PRO A 331 -24.05 -13.85 26.18
N GLU A 332 -23.72 -13.28 27.33
CA GLU A 332 -24.22 -13.80 28.59
C GLU A 332 -25.31 -12.93 29.20
N HIS A 333 -25.50 -11.74 28.65
CA HIS A 333 -26.51 -10.82 29.17
C HIS A 333 -27.30 -10.13 28.07
N SER A 334 -28.57 -10.53 27.92
CA SER A 334 -29.42 -9.94 26.89
C SER A 334 -29.75 -8.48 27.21
N ASN A 335 -29.48 -8.05 28.45
CA ASN A 335 -29.77 -6.68 28.85
C ASN A 335 -28.58 -5.76 28.68
N VAL A 336 -27.54 -6.24 28.00
CA VAL A 336 -26.35 -5.46 27.74
C VAL A 336 -26.09 -5.44 26.23
N VAL A 337 -25.85 -4.26 25.69
CA VAL A 337 -25.61 -4.12 24.26
C VAL A 337 -24.19 -3.59 24.07
N ILE A 338 -23.47 -4.15 23.11
CA ILE A 338 -22.11 -3.74 22.84
C ILE A 338 -21.94 -3.12 21.45
N ALA A 339 -21.21 -2.02 21.39
CA ALA A 339 -20.92 -1.32 20.15
C ALA A 339 -19.43 -1.02 20.21
N ALA A 340 -18.64 -1.76 19.44
CA ALA A 340 -17.20 -1.60 19.47
C ALA A 340 -16.49 -1.98 18.18
N GLY A 341 -15.18 -1.70 18.14
CA GLY A 341 -14.35 -2.03 16.99
C GLY A 341 -14.78 -1.51 15.63
N PHE A 342 -15.13 -0.23 15.57
CA PHE A 342 -15.56 0.34 14.30
C PHE A 342 -14.45 0.49 13.27
N SER A 343 -13.27 0.00 13.64
CA SER A 343 -12.09 -0.06 12.80
C SER A 343 -11.82 1.06 11.80
N GLY A 344 -11.98 2.31 12.22
CA GLY A 344 -11.69 3.42 11.33
C GLY A 344 -12.68 3.77 10.23
N HIS A 345 -13.91 3.26 10.29
CA HIS A 345 -14.88 3.61 9.26
C HIS A 345 -16.31 3.56 9.78
N GLY A 346 -16.49 3.88 11.06
CA GLY A 346 -17.83 3.84 11.62
C GLY A 346 -18.64 5.11 11.77
N PHE A 347 -18.02 6.29 11.71
CA PHE A 347 -18.82 7.48 11.94
C PHE A 347 -20.02 7.66 11.02
N LYS A 348 -19.81 7.44 9.72
CA LYS A 348 -20.90 7.62 8.76
C LYS A 348 -22.14 6.80 9.15
N PHE A 349 -21.91 5.69 9.84
CA PHE A 349 -23.01 4.80 10.27
C PHE A 349 -23.55 5.13 11.66
N SER A 350 -22.89 6.03 12.39
CA SER A 350 -23.31 6.33 13.76
C SER A 350 -24.79 6.65 13.96
N SER A 351 -25.40 7.38 13.02
CA SER A 351 -26.82 7.69 13.15
C SER A 351 -27.63 6.41 13.06
N GLY A 352 -27.29 5.56 12.08
CA GLY A 352 -27.98 4.30 11.92
C GLY A 352 -27.72 3.35 13.09
N VAL A 353 -26.49 3.34 13.57
CA VAL A 353 -26.12 2.48 14.68
C VAL A 353 -26.86 2.88 15.95
N GLY A 354 -27.05 4.18 16.14
CA GLY A 354 -27.76 4.65 17.31
C GLY A 354 -29.16 4.05 17.31
N GLU A 355 -29.75 3.98 16.13
CA GLU A 355 -31.08 3.41 15.97
C GLU A 355 -31.05 1.91 16.29
N VAL A 356 -30.03 1.22 15.78
CA VAL A 356 -29.88 -0.21 16.03
C VAL A 356 -29.72 -0.46 17.53
N LEU A 357 -28.83 0.29 18.17
CA LEU A 357 -28.57 0.13 19.60
C LEU A 357 -29.83 0.37 20.42
N SER A 358 -30.63 1.35 20.01
N SER A 358 -30.64 1.35 20.02
CA SER A 358 -31.87 1.67 20.71
CA SER A 358 -31.87 1.65 20.74
C SER A 358 -32.81 0.47 20.66
C SER A 358 -32.81 0.46 20.67
N GLN A 359 -32.93 -0.13 19.48
CA GLN A 359 -33.79 -1.29 19.28
C GLN A 359 -33.30 -2.50 20.05
N LEU A 360 -31.99 -2.74 20.05
CA LEU A 360 -31.43 -3.88 20.76
C LEU A 360 -31.67 -3.74 22.27
N ALA A 361 -31.44 -2.54 22.79
CA ALA A 361 -31.62 -2.27 24.20
C ALA A 361 -33.07 -2.46 24.65
N LEU A 362 -34.00 -1.94 23.87
CA LEU A 362 -35.42 -2.03 24.20
C LEU A 362 -36.12 -3.34 23.86
N THR A 363 -35.74 -3.96 22.76
CA THR A 363 -36.41 -5.20 22.35
C THR A 363 -35.53 -6.44 22.25
N GLY A 364 -34.21 -6.27 22.31
CA GLY A 364 -33.31 -7.39 22.19
C GLY A 364 -33.15 -7.79 20.74
N LYS A 365 -33.80 -7.05 19.84
CA LYS A 365 -33.74 -7.31 18.41
C LYS A 365 -33.68 -5.99 17.63
N THR A 366 -33.39 -6.08 16.34
CA THR A 366 -33.33 -4.90 15.49
C THR A 366 -33.84 -5.24 14.09
N GLU A 367 -34.45 -4.27 13.43
CA GLU A 367 -34.97 -4.48 12.09
C GLU A 367 -33.84 -4.53 11.06
N HIS A 368 -32.68 -3.99 11.41
CA HIS A 368 -31.53 -3.99 10.50
C HIS A 368 -30.83 -5.34 10.51
N ASP A 369 -30.18 -5.68 9.40
CA ASP A 369 -29.42 -6.92 9.30
C ASP A 369 -28.07 -6.59 9.88
N ILE A 370 -27.72 -7.21 11.01
CA ILE A 370 -26.44 -6.94 11.65
C ILE A 370 -25.63 -8.22 11.85
N SER A 371 -25.92 -9.22 11.03
CA SER A 371 -25.26 -10.52 11.11
C SER A 371 -23.73 -10.46 11.05
N ILE A 372 -23.19 -9.68 10.13
CA ILE A 372 -21.75 -9.59 9.99
C ILE A 372 -21.05 -8.88 11.14
N PHE A 373 -21.83 -8.30 12.05
CA PHE A 373 -21.26 -7.59 13.20
C PHE A 373 -21.40 -8.43 14.47
N SER A 374 -21.80 -9.69 14.29
CA SER A 374 -21.99 -10.59 15.42
C SER A 374 -20.78 -10.70 16.33
N ILE A 375 -21.03 -10.71 17.63
CA ILE A 375 -19.95 -10.81 18.60
C ILE A 375 -19.47 -12.26 18.71
N ASN A 376 -20.22 -13.18 18.11
CA ASN A 376 -19.87 -14.61 18.14
C ASN A 376 -19.19 -15.11 16.87
N ARG A 377 -18.97 -14.22 15.90
CA ARG A 377 -18.33 -14.66 14.66
C ARG A 377 -16.90 -15.12 14.89
N PRO A 378 -16.49 -16.20 14.20
CA PRO A 378 -15.16 -16.82 14.28
C PRO A 378 -13.95 -15.89 14.05
N ALA A 379 -14.01 -15.09 12.99
CA ALA A 379 -12.91 -14.19 12.64
C ALA A 379 -12.60 -13.14 13.70
N LEU A 380 -13.53 -12.95 14.63
CA LEU A 380 -13.35 -11.96 15.68
C LEU A 380 -12.40 -12.49 16.74
N LYS A 381 -12.46 -13.80 16.97
CA LYS A 381 -11.63 -14.48 17.98
C LYS A 381 -12.05 -14.00 19.37
N GLU A 382 -13.36 -13.88 19.55
CA GLU A 382 -13.93 -13.47 20.82
C GLU A 382 -14.15 -14.67 21.72
N SER A 383 -14.02 -14.46 23.02
CA SER A 383 -14.21 -15.53 23.98
C SER A 383 -14.56 -14.94 25.35
N LEU A 384 -14.95 -15.84 26.25
CA LEU A 384 -15.32 -15.50 27.62
C LEU A 384 -14.11 -15.78 28.51
N GLN A 385 -13.91 -14.98 29.55
CA GLN A 385 -12.79 -15.21 30.44
C GLN A 385 -13.04 -16.49 31.23
N SER B 1 38.41 5.10 -33.94
CA SER B 1 39.32 4.65 -35.04
C SER B 1 39.56 3.15 -34.97
N THR B 2 39.06 2.52 -33.91
CA THR B 2 39.19 1.08 -33.73
C THR B 2 37.83 0.50 -34.08
N HIS B 3 37.77 -0.48 -34.98
CA HIS B 3 36.46 -0.98 -35.34
C HIS B 3 36.09 -2.25 -34.60
N PHE B 4 34.80 -2.40 -34.33
CA PHE B 4 34.27 -3.57 -33.64
C PHE B 4 33.01 -3.99 -34.38
N ASP B 5 32.61 -5.24 -34.18
CA ASP B 5 31.38 -5.73 -34.81
C ASP B 5 30.21 -5.10 -34.07
N VAL B 6 30.28 -5.13 -32.74
CA VAL B 6 29.23 -4.57 -31.90
C VAL B 6 29.81 -3.84 -30.70
N ILE B 7 29.20 -2.72 -30.35
CA ILE B 7 29.63 -1.95 -29.18
C ILE B 7 28.46 -1.92 -28.20
N VAL B 8 28.76 -2.26 -26.95
CA VAL B 8 27.73 -2.25 -25.91
C VAL B 8 28.06 -1.09 -24.96
N VAL B 9 27.14 -0.14 -24.84
CA VAL B 9 27.32 1.00 -23.95
C VAL B 9 26.51 0.73 -22.70
N GLY B 10 27.21 0.48 -21.60
CA GLY B 10 26.54 0.18 -20.34
C GLY B 10 26.66 -1.32 -20.13
N ALA B 11 27.77 -1.75 -19.52
CA ALA B 11 28.01 -3.17 -19.29
C ALA B 11 27.57 -3.64 -17.92
N GLY B 12 26.28 -3.45 -17.62
CA GLY B 12 25.75 -3.87 -16.34
C GLY B 12 24.98 -5.17 -16.48
N SER B 13 23.85 -5.27 -15.78
CA SER B 13 23.01 -6.45 -15.81
C SER B 13 22.70 -6.92 -17.23
N MET B 14 22.18 -6.01 -18.05
CA MET B 14 21.81 -6.36 -19.42
C MET B 14 23.00 -6.35 -20.39
N GLY B 15 23.80 -5.30 -20.33
CA GLY B 15 24.94 -5.18 -21.23
C GLY B 15 25.99 -6.28 -21.13
N MET B 16 26.37 -6.66 -19.91
CA MET B 16 27.39 -7.69 -19.76
C MET B 16 26.85 -9.04 -20.22
N ALA B 17 25.56 -9.28 -20.00
CA ALA B 17 24.94 -10.53 -20.43
C ALA B 17 24.99 -10.57 -21.96
N ALA B 18 24.70 -9.43 -22.59
CA ALA B 18 24.74 -9.34 -24.06
C ALA B 18 26.16 -9.56 -24.56
N GLY B 19 27.14 -8.95 -23.90
CA GLY B 19 28.51 -9.09 -24.31
C GLY B 19 28.96 -10.54 -24.27
N TYR B 20 28.50 -11.27 -23.25
CA TYR B 20 28.84 -12.69 -23.12
C TYR B 20 28.25 -13.49 -24.28
N GLN B 21 26.99 -13.22 -24.61
CA GLN B 21 26.32 -13.91 -25.71
C GLN B 21 27.01 -13.63 -27.05
N LEU B 22 27.38 -12.37 -27.26
CA LEU B 22 28.07 -11.99 -28.50
C LEU B 22 29.46 -12.63 -28.57
N ALA B 23 30.22 -12.48 -27.50
CA ALA B 23 31.57 -13.02 -27.45
C ALA B 23 31.59 -14.54 -27.67
N LYS B 24 30.59 -15.23 -27.12
CA LYS B 24 30.54 -16.68 -27.26
C LYS B 24 30.34 -17.10 -28.72
N GLN B 25 29.87 -16.17 -29.54
CA GLN B 25 29.64 -16.45 -30.96
C GLN B 25 30.77 -15.95 -31.85
N GLY B 26 31.85 -15.49 -31.24
CA GLY B 26 32.98 -15.00 -32.03
C GLY B 26 32.78 -13.60 -32.59
N VAL B 27 31.79 -12.89 -32.07
CA VAL B 27 31.52 -11.52 -32.51
C VAL B 27 32.49 -10.56 -31.80
N LYS B 28 33.26 -9.79 -32.56
CA LYS B 28 34.22 -8.85 -31.97
C LYS B 28 33.40 -7.79 -31.25
N THR B 29 33.46 -7.80 -29.93
CA THR B 29 32.68 -6.88 -29.12
C THR B 29 33.45 -5.95 -28.19
N LEU B 30 32.94 -4.74 -28.05
CA LEU B 30 33.52 -3.73 -27.16
C LEU B 30 32.45 -3.37 -26.13
N LEU B 31 32.80 -3.47 -24.86
CA LEU B 31 31.87 -3.15 -23.79
C LEU B 31 32.39 -1.93 -23.03
N VAL B 32 31.60 -0.86 -23.02
CA VAL B 32 32.01 0.37 -22.35
C VAL B 32 31.14 0.64 -21.12
N ASP B 33 31.78 0.98 -20.01
CA ASP B 33 31.02 1.27 -18.80
C ASP B 33 31.59 2.47 -18.06
N ALA B 34 30.70 3.27 -17.48
CA ALA B 34 31.08 4.47 -16.73
C ALA B 34 31.91 4.11 -15.50
N PHE B 35 31.77 2.87 -15.04
CA PHE B 35 32.51 2.41 -13.87
C PHE B 35 33.21 1.11 -14.20
N ASP B 36 33.31 0.22 -13.21
CA ASP B 36 33.97 -1.08 -13.40
C ASP B 36 33.06 -2.16 -12.84
N PRO B 37 32.17 -2.70 -13.68
CA PRO B 37 31.20 -3.75 -13.31
C PRO B 37 31.82 -5.07 -12.84
N PRO B 38 31.25 -5.67 -11.77
CA PRO B 38 30.10 -5.15 -11.01
C PRO B 38 30.54 -4.06 -10.04
N HIS B 39 29.68 -3.05 -9.85
CA HIS B 39 29.98 -1.95 -8.95
C HIS B 39 28.75 -1.61 -8.11
N THR B 40 28.85 -0.55 -7.30
CA THR B 40 27.74 -0.17 -6.45
C THR B 40 27.06 1.16 -6.80
N ASN B 41 27.23 1.60 -8.03
CA ASN B 41 26.63 2.86 -8.49
C ASN B 41 25.39 2.65 -9.36
N GLY B 42 25.14 1.40 -9.74
CA GLY B 42 24.01 1.12 -10.59
C GLY B 42 22.82 0.43 -9.94
N SER B 43 22.27 -0.56 -10.64
CA SER B 43 21.10 -1.29 -10.15
C SER B 43 21.33 -2.77 -9.88
N HIS B 44 22.59 -3.21 -9.84
CA HIS B 44 22.87 -4.63 -9.63
C HIS B 44 23.57 -5.06 -8.34
N HIS B 45 23.88 -4.13 -7.44
CA HIS B 45 24.54 -4.56 -6.21
C HIS B 45 23.54 -4.95 -5.13
N GLY B 46 24.02 -5.17 -3.91
CA GLY B 46 23.14 -5.60 -2.85
C GLY B 46 23.26 -7.11 -2.76
N ASP B 47 24.20 -7.66 -3.53
N ASP B 47 24.19 -7.65 -3.54
CA ASP B 47 24.50 -9.08 -3.52
CA ASP B 47 24.52 -9.08 -3.67
C ASP B 47 23.49 -10.07 -4.12
C ASP B 47 23.47 -10.05 -4.20
N THR B 48 22.23 -9.96 -3.71
CA THR B 48 21.20 -10.88 -4.18
C THR B 48 19.97 -10.34 -4.91
N ARG B 49 19.39 -11.18 -5.75
CA ARG B 49 18.20 -10.85 -6.53
C ARG B 49 17.27 -12.06 -6.61
N ILE B 50 15.97 -11.81 -6.56
CA ILE B 50 14.98 -12.87 -6.62
C ILE B 50 14.63 -13.20 -8.07
N ILE B 51 14.36 -14.48 -8.34
CA ILE B 51 13.90 -14.89 -9.66
C ILE B 51 12.68 -15.76 -9.40
N ARG B 52 11.54 -15.35 -9.95
CA ARG B 52 10.26 -16.05 -9.82
C ARG B 52 9.85 -16.46 -11.23
N HIS B 53 8.89 -17.38 -11.34
CA HIS B 53 8.43 -17.83 -12.64
C HIS B 53 6.95 -17.51 -12.88
N ALA B 54 6.14 -17.54 -11.82
CA ALA B 54 4.72 -17.24 -11.93
C ALA B 54 4.52 -15.73 -12.08
N TYR B 55 4.97 -15.19 -13.21
CA TYR B 55 4.91 -13.75 -13.47
C TYR B 55 3.57 -13.27 -14.01
N GLY B 56 2.75 -12.70 -13.13
CA GLY B 56 1.45 -12.22 -13.53
C GLY B 56 1.41 -10.84 -14.19
N GLU B 57 2.57 -10.21 -14.34
CA GLU B 57 2.65 -8.89 -14.95
C GLU B 57 2.35 -8.95 -16.45
N GLY B 58 2.35 -10.16 -17.00
CA GLY B 58 2.10 -10.34 -18.43
C GLY B 58 2.58 -11.71 -18.85
N ARG B 59 1.75 -12.42 -19.60
CA ARG B 59 2.10 -13.77 -20.04
C ARG B 59 3.47 -13.87 -20.72
N GLU B 60 3.83 -12.86 -21.51
CA GLU B 60 5.11 -12.87 -22.20
C GLU B 60 6.29 -13.00 -21.24
N TYR B 61 6.10 -12.56 -20.00
CA TYR B 61 7.14 -12.63 -18.99
C TYR B 61 7.51 -14.06 -18.60
N VAL B 62 6.49 -14.92 -18.52
CA VAL B 62 6.73 -16.29 -18.12
C VAL B 62 7.78 -17.01 -18.95
N PRO B 63 7.58 -17.10 -20.29
CA PRO B 63 8.56 -17.77 -21.14
C PRO B 63 9.96 -17.19 -20.99
N LEU B 64 10.04 -15.87 -20.86
CA LEU B 64 11.32 -15.20 -20.71
C LEU B 64 11.95 -15.57 -19.38
N ALA B 65 11.12 -15.68 -18.35
CA ALA B 65 11.61 -16.06 -17.03
C ALA B 65 12.16 -17.49 -17.05
N LEU B 66 11.43 -18.39 -17.72
CA LEU B 66 11.85 -19.78 -17.78
C LEU B 66 13.11 -19.94 -18.63
N ARG B 67 13.23 -19.16 -19.69
CA ARG B 67 14.43 -19.23 -20.53
C ARG B 67 15.60 -18.67 -19.72
N SER B 68 15.35 -17.59 -18.99
CA SER B 68 16.40 -16.98 -18.17
C SER B 68 16.88 -17.96 -17.12
N GLN B 69 15.96 -18.70 -16.52
CA GLN B 69 16.34 -19.66 -15.49
C GLN B 69 17.26 -20.73 -16.10
N GLU B 70 16.94 -21.18 -17.31
CA GLU B 70 17.76 -22.19 -17.99
C GLU B 70 19.17 -21.65 -18.16
N LEU B 71 19.24 -20.40 -18.61
CA LEU B 71 20.52 -19.74 -18.83
C LEU B 71 21.32 -19.55 -17.54
N TRP B 72 20.64 -19.31 -16.42
CA TRP B 72 21.32 -19.13 -15.16
C TRP B 72 21.96 -20.46 -14.74
N TYR B 73 21.25 -21.56 -14.96
CA TYR B 73 21.78 -22.88 -14.62
C TYR B 73 23.01 -23.16 -15.50
N GLU B 74 22.99 -22.65 -16.72
CA GLU B 74 24.13 -22.86 -17.62
C GLU B 74 25.33 -22.07 -17.12
N LEU B 75 25.08 -20.86 -16.65
CA LEU B 75 26.15 -20.00 -16.15
C LEU B 75 26.79 -20.65 -14.93
N GLU B 76 25.95 -21.24 -14.09
CA GLU B 76 26.44 -21.92 -12.88
C GLU B 76 27.50 -22.97 -13.27
N LYS B 77 27.22 -23.72 -14.33
CA LYS B 77 28.10 -24.76 -14.79
C LYS B 77 29.35 -24.27 -15.50
N GLU B 78 29.31 -23.02 -15.98
CA GLU B 78 30.44 -22.46 -16.71
C GLU B 78 31.46 -21.68 -15.88
N THR B 79 31.06 -21.23 -14.69
CA THR B 79 31.96 -20.43 -13.86
C THR B 79 32.17 -21.01 -12.47
N HIS B 80 33.20 -20.53 -11.78
CA HIS B 80 33.48 -20.98 -10.42
C HIS B 80 32.71 -20.12 -9.43
N HIS B 81 32.17 -18.99 -9.92
CA HIS B 81 31.39 -18.08 -9.07
C HIS B 81 30.02 -18.68 -8.79
N LYS B 82 29.50 -18.47 -7.58
CA LYS B 82 28.18 -18.99 -7.21
C LYS B 82 27.14 -18.15 -7.94
N ILE B 83 26.21 -18.82 -8.61
CA ILE B 83 25.19 -18.11 -9.37
C ILE B 83 23.77 -18.17 -8.82
N PHE B 84 23.32 -19.37 -8.43
CA PHE B 84 21.94 -19.54 -7.98
C PHE B 84 21.70 -20.54 -6.86
N THR B 85 20.78 -20.19 -5.96
CA THR B 85 20.41 -21.07 -4.85
C THR B 85 18.88 -21.18 -4.89
N LYS B 86 18.36 -22.40 -4.88
CA LYS B 86 16.93 -22.61 -4.94
C LYS B 86 16.24 -22.49 -3.58
N THR B 87 16.04 -21.26 -3.14
CA THR B 87 15.39 -20.98 -1.86
C THR B 87 13.88 -21.10 -1.99
N GLY B 88 13.39 -21.02 -3.22
CA GLY B 88 11.96 -21.06 -3.44
C GLY B 88 11.52 -19.62 -3.21
N VAL B 89 10.35 -19.24 -3.72
CA VAL B 89 9.86 -17.88 -3.52
C VAL B 89 8.44 -17.88 -2.99
N LEU B 90 8.24 -17.23 -1.85
CA LEU B 90 6.92 -17.15 -1.23
C LEU B 90 6.25 -15.81 -1.51
N VAL B 91 5.01 -15.86 -1.96
CA VAL B 91 4.22 -14.67 -2.23
C VAL B 91 2.94 -14.74 -1.41
N PHE B 92 2.72 -13.75 -0.55
CA PHE B 92 1.49 -13.78 0.24
C PHE B 92 0.87 -12.39 0.39
N GLY B 93 -0.36 -12.37 0.89
CA GLY B 93 -1.06 -11.12 1.07
C GLY B 93 -2.46 -11.36 1.59
N PRO B 94 -3.24 -10.30 1.86
CA PRO B 94 -4.61 -10.44 2.36
C PRO B 94 -5.48 -11.12 1.30
N LYS B 95 -6.22 -12.15 1.70
CA LYS B 95 -7.10 -12.85 0.76
C LYS B 95 -8.06 -11.91 0.05
N GLY B 96 -8.06 -11.98 -1.27
CA GLY B 96 -8.95 -11.14 -2.07
C GLY B 96 -8.65 -9.65 -2.06
N GLU B 97 -7.52 -9.26 -1.47
CA GLU B 97 -7.17 -7.85 -1.42
C GLU B 97 -5.80 -7.56 -2.05
N SER B 98 -5.28 -8.50 -2.82
CA SER B 98 -3.98 -8.30 -3.45
C SER B 98 -3.93 -8.70 -4.92
N ALA B 99 -3.84 -7.69 -5.79
CA ALA B 99 -3.77 -7.94 -7.22
C ALA B 99 -2.52 -8.74 -7.52
N PHE B 100 -1.44 -8.44 -6.79
CA PHE B 100 -0.18 -9.13 -6.99
C PHE B 100 -0.29 -10.63 -6.75
N VAL B 101 -0.87 -11.01 -5.61
CA VAL B 101 -1.05 -12.42 -5.27
C VAL B 101 -1.98 -13.13 -6.25
N ALA B 102 -3.12 -12.53 -6.55
CA ALA B 102 -4.10 -13.12 -7.46
C ALA B 102 -3.47 -13.33 -8.83
N GLU B 103 -2.72 -12.32 -9.27
CA GLU B 103 -2.03 -12.36 -10.56
C GLU B 103 -1.00 -13.48 -10.61
N THR B 104 -0.29 -13.66 -9.50
CA THR B 104 0.72 -14.69 -9.41
C THR B 104 0.05 -16.06 -9.51
N MET B 105 -1.02 -16.25 -8.75
CA MET B 105 -1.76 -17.50 -8.76
C MET B 105 -2.32 -17.82 -10.14
N GLU B 106 -2.85 -16.81 -10.81
CA GLU B 106 -3.39 -17.00 -12.16
C GLU B 106 -2.28 -17.43 -13.11
N ALA B 107 -1.15 -16.74 -13.05
CA ALA B 107 -0.03 -17.05 -13.93
C ALA B 107 0.42 -18.49 -13.71
N ALA B 108 0.46 -18.92 -12.45
CA ALA B 108 0.88 -20.27 -12.11
C ALA B 108 -0.05 -21.29 -12.76
N LYS B 109 -1.35 -21.07 -12.65
CA LYS B 109 -2.35 -21.96 -13.23
C LYS B 109 -2.25 -22.00 -14.75
N GLU B 110 -2.25 -20.81 -15.37
CA GLU B 110 -2.18 -20.71 -16.82
C GLU B 110 -0.96 -21.37 -17.45
N HIS B 111 0.15 -21.43 -16.73
CA HIS B 111 1.35 -22.04 -17.29
C HIS B 111 1.73 -23.36 -16.64
N SER B 112 0.80 -23.90 -15.86
CA SER B 112 0.98 -25.18 -15.16
C SER B 112 2.29 -25.31 -14.40
N LEU B 113 2.66 -24.25 -13.69
CA LEU B 113 3.87 -24.22 -12.89
C LEU B 113 3.62 -24.96 -11.58
N THR B 114 4.68 -25.59 -11.05
CA THR B 114 4.59 -26.33 -9.80
C THR B 114 4.63 -25.35 -8.63
N VAL B 115 3.53 -25.26 -7.90
CA VAL B 115 3.44 -24.35 -6.76
C VAL B 115 2.62 -24.96 -5.63
N ASP B 116 2.76 -24.37 -4.45
CA ASP B 116 2.00 -24.81 -3.27
C ASP B 116 1.08 -23.67 -2.91
N LEU B 117 -0.17 -23.99 -2.59
CA LEU B 117 -1.13 -22.97 -2.20
C LEU B 117 -1.49 -23.22 -0.75
N LEU B 118 -1.37 -22.19 0.07
CA LEU B 118 -1.70 -22.31 1.48
C LEU B 118 -2.19 -20.99 2.03
N GLU B 119 -2.86 -21.03 3.18
CA GLU B 119 -3.38 -19.81 3.76
C GLU B 119 -3.48 -19.82 5.28
N GLY B 120 -3.54 -18.61 5.82
CA GLY B 120 -3.63 -18.46 7.26
C GLY B 120 -2.53 -19.14 8.05
N ASP B 121 -2.94 -19.85 9.10
CA ASP B 121 -2.03 -20.53 9.98
C ASP B 121 -1.08 -21.51 9.29
N GLU B 122 -1.47 -22.03 8.13
CA GLU B 122 -0.63 -22.98 7.42
C GLU B 122 0.69 -22.33 7.03
N ILE B 123 0.63 -21.03 6.73
CA ILE B 123 1.82 -20.28 6.36
C ILE B 123 2.74 -20.18 7.57
N ASN B 124 2.16 -19.75 8.69
CA ASN B 124 2.91 -19.60 9.93
C ASN B 124 3.52 -20.92 10.40
N LYS B 125 2.78 -22.02 10.21
CA LYS B 125 3.26 -23.33 10.63
C LYS B 125 4.39 -23.86 9.74
N ARG B 126 4.24 -23.73 8.43
CA ARG B 126 5.26 -24.22 7.53
C ARG B 126 6.58 -23.46 7.67
N TRP B 127 6.49 -22.15 7.85
CA TRP B 127 7.69 -21.34 7.98
C TRP B 127 7.74 -20.56 9.28
N PRO B 128 8.28 -21.18 10.36
CA PRO B 128 8.36 -20.45 11.63
C PRO B 128 9.15 -19.17 11.35
N GLY B 129 8.71 -18.06 11.92
CA GLY B 129 9.39 -16.80 11.68
C GLY B 129 8.49 -15.86 10.90
N ILE B 130 7.46 -16.43 10.28
CA ILE B 130 6.49 -15.64 9.52
C ILE B 130 5.19 -15.59 10.29
N THR B 131 4.67 -14.39 10.53
CA THR B 131 3.41 -14.24 11.25
C THR B 131 2.45 -13.38 10.46
N VAL B 132 1.50 -14.03 9.79
CA VAL B 132 0.50 -13.32 9.00
C VAL B 132 -0.87 -13.59 9.59
N PRO B 133 -1.82 -12.66 9.40
CA PRO B 133 -3.17 -12.82 9.92
C PRO B 133 -3.80 -14.05 9.26
N GLU B 134 -4.85 -14.60 9.88
CA GLU B 134 -5.52 -15.77 9.33
C GLU B 134 -6.19 -15.53 7.99
N ASN B 135 -6.47 -14.27 7.67
CA ASN B 135 -7.13 -13.97 6.40
C ASN B 135 -6.16 -13.78 5.25
N TYR B 136 -4.91 -14.20 5.45
CA TYR B 136 -3.90 -14.10 4.40
C TYR B 136 -3.77 -15.43 3.68
N ASN B 137 -3.48 -15.38 2.39
CA ASN B 137 -3.28 -16.60 1.63
C ASN B 137 -1.95 -16.48 0.94
N ALA B 138 -1.46 -17.57 0.36
CA ALA B 138 -0.16 -17.52 -0.29
C ALA B 138 0.05 -18.57 -1.36
N ILE B 139 1.02 -18.30 -2.22
CA ILE B 139 1.41 -19.22 -3.28
C ILE B 139 2.92 -19.33 -3.17
N PHE B 140 3.42 -20.56 -3.08
CA PHE B 140 4.84 -20.81 -2.96
C PHE B 140 5.40 -21.49 -4.21
N GLU B 141 6.50 -20.96 -4.72
CA GLU B 141 7.20 -21.50 -5.90
C GLU B 141 8.48 -22.16 -5.39
N PRO B 142 8.47 -23.50 -5.23
CA PRO B 142 9.67 -24.16 -4.73
C PRO B 142 10.89 -24.15 -5.66
N ASN B 143 10.66 -24.02 -6.96
CA ASN B 143 11.77 -24.05 -7.91
C ASN B 143 12.35 -22.69 -8.30
N SER B 144 11.84 -21.63 -7.68
CA SER B 144 12.34 -20.29 -7.94
C SER B 144 13.41 -20.09 -6.89
N GLY B 145 14.10 -18.95 -6.93
CA GLY B 145 15.14 -18.76 -5.94
C GLY B 145 15.85 -17.43 -5.93
N VAL B 146 17.12 -17.48 -5.53
CA VAL B 146 17.95 -16.29 -5.42
C VAL B 146 19.19 -16.33 -6.28
N LEU B 147 19.42 -15.22 -6.97
CA LEU B 147 20.58 -15.06 -7.83
C LEU B 147 21.55 -14.12 -7.13
N PHE B 148 22.84 -14.39 -7.27
CA PHE B 148 23.86 -13.54 -6.70
C PHE B 148 24.25 -12.67 -7.89
N SER B 149 23.52 -11.57 -8.02
CA SER B 149 23.64 -10.62 -9.12
C SER B 149 25.03 -10.11 -9.46
N GLU B 150 25.80 -9.74 -8.46
CA GLU B 150 27.14 -9.24 -8.72
C GLU B 150 28.02 -10.35 -9.32
N ASN B 151 27.82 -11.58 -8.85
CA ASN B 151 28.58 -12.72 -9.35
C ASN B 151 28.20 -13.02 -10.80
N CYS B 152 26.92 -12.84 -11.13
CA CYS B 152 26.44 -13.09 -12.49
C CYS B 152 27.17 -12.17 -13.48
N ILE B 153 27.17 -10.88 -13.17
CA ILE B 153 27.82 -9.91 -14.04
C ILE B 153 29.33 -10.15 -14.10
N ARG B 154 29.92 -10.47 -12.95
CA ARG B 154 31.35 -10.73 -12.88
C ARG B 154 31.69 -11.96 -13.72
N ALA B 155 30.89 -13.03 -13.57
CA ALA B 155 31.11 -14.25 -14.33
C ALA B 155 30.95 -14.01 -15.83
N TYR B 156 29.89 -13.30 -16.21
CA TYR B 156 29.67 -13.01 -17.62
C TYR B 156 30.83 -12.19 -18.19
N ARG B 157 31.37 -11.28 -17.39
CA ARG B 157 32.46 -10.46 -17.86
C ARG B 157 33.73 -11.28 -18.06
N GLU B 158 34.09 -12.07 -17.06
CA GLU B 158 35.28 -12.90 -17.15
C GLU B 158 35.18 -13.84 -18.34
N LEU B 159 34.01 -14.43 -18.55
CA LEU B 159 33.80 -15.34 -19.65
C LEU B 159 33.87 -14.60 -21.00
N ALA B 160 33.24 -13.44 -21.07
CA ALA B 160 33.24 -12.65 -22.30
C ALA B 160 34.65 -12.21 -22.67
N GLU B 161 35.38 -11.67 -21.69
CA GLU B 161 36.74 -11.21 -21.96
C GLU B 161 37.65 -12.36 -22.39
N ALA B 162 37.49 -13.52 -21.77
CA ALA B 162 38.31 -14.66 -22.12
C ALA B 162 38.09 -15.03 -23.58
N ARG B 163 36.90 -14.72 -24.10
CA ARG B 163 36.61 -15.06 -25.49
C ARG B 163 36.91 -13.94 -26.48
N GLY B 164 37.56 -12.89 -26.01
CA GLY B 164 37.91 -11.80 -26.92
C GLY B 164 37.20 -10.48 -26.74
N ALA B 165 36.12 -10.45 -25.99
CA ALA B 165 35.40 -9.19 -25.78
C ALA B 165 36.30 -8.20 -25.06
N LYS B 166 36.23 -6.94 -25.47
CA LYS B 166 37.05 -5.90 -24.85
C LYS B 166 36.16 -5.08 -23.92
N VAL B 167 36.64 -4.85 -22.70
CA VAL B 167 35.87 -4.08 -21.74
C VAL B 167 36.60 -2.80 -21.38
N LEU B 168 35.97 -1.67 -21.68
CA LEU B 168 36.55 -0.37 -21.40
C LEU B 168 35.83 0.18 -20.16
N THR B 169 36.54 0.22 -19.03
CA THR B 169 35.96 0.69 -17.78
C THR B 169 36.16 2.18 -17.51
N HIS B 170 35.42 2.68 -16.52
CA HIS B 170 35.51 4.07 -16.11
C HIS B 170 35.49 5.03 -17.29
N THR B 171 34.65 4.73 -18.27
CA THR B 171 34.54 5.55 -19.46
C THR B 171 33.06 5.82 -19.75
N ARG B 172 32.64 7.06 -19.48
CA ARG B 172 31.26 7.45 -19.68
C ARG B 172 30.99 7.94 -21.09
N VAL B 173 30.09 7.26 -21.81
CA VAL B 173 29.75 7.65 -23.16
C VAL B 173 28.89 8.90 -23.06
N GLU B 174 29.24 9.92 -23.84
CA GLU B 174 28.55 11.20 -23.80
C GLU B 174 27.66 11.51 -24.99
N ASP B 175 27.95 10.91 -26.14
CA ASP B 175 27.13 11.17 -27.32
C ASP B 175 27.24 10.02 -28.31
N PHE B 176 26.31 9.99 -29.27
CA PHE B 176 26.26 8.94 -30.28
C PHE B 176 26.15 9.53 -31.69
N ASP B 177 26.84 8.90 -32.64
CA ASP B 177 26.78 9.34 -34.03
C ASP B 177 26.31 8.12 -34.83
N ILE B 178 25.04 8.12 -35.20
CA ILE B 178 24.47 7.00 -35.93
C ILE B 178 24.28 7.25 -37.43
N SER B 179 24.72 6.30 -38.24
N SER B 179 24.72 6.29 -38.23
CA SER B 179 24.57 6.41 -39.69
CA SER B 179 24.60 6.38 -39.69
C SER B 179 23.83 5.17 -40.18
C SER B 179 23.85 5.16 -40.18
N PRO B 180 23.37 5.18 -41.44
CA PRO B 180 22.65 4.01 -41.95
C PRO B 180 23.42 2.69 -41.92
N ASP B 181 24.74 2.75 -41.97
CA ASP B 181 25.54 1.52 -41.98
C ASP B 181 26.63 1.40 -40.91
N SER B 182 26.58 2.27 -39.90
CA SER B 182 27.58 2.21 -38.83
C SER B 182 27.14 3.02 -37.62
N VAL B 183 27.81 2.78 -36.50
CA VAL B 183 27.51 3.48 -35.27
C VAL B 183 28.84 3.96 -34.70
N LYS B 184 28.82 5.07 -33.97
CA LYS B 184 30.04 5.59 -33.38
C LYS B 184 29.79 6.29 -32.06
N ILE B 185 30.79 6.22 -31.20
CA ILE B 185 30.78 6.86 -29.90
C ILE B 185 32.16 7.49 -29.73
N GLU B 186 32.23 8.54 -28.92
CA GLU B 186 33.50 9.23 -28.67
C GLU B 186 33.87 9.10 -27.20
N THR B 187 35.16 8.90 -26.93
CA THR B 187 35.63 8.81 -25.54
C THR B 187 37.00 9.46 -25.41
N ALA B 188 37.38 9.77 -24.18
CA ALA B 188 38.66 10.42 -23.88
C ALA B 188 39.84 9.81 -24.62
N ASN B 189 39.99 8.50 -24.53
CA ASN B 189 41.12 7.83 -25.17
C ASN B 189 40.89 7.35 -26.61
N GLY B 190 39.77 7.73 -27.21
CA GLY B 190 39.53 7.31 -28.58
C GLY B 190 38.08 7.13 -28.98
N SER B 191 37.80 7.27 -30.27
N SER B 191 37.81 7.26 -30.27
CA SER B 191 36.45 7.11 -30.78
CA SER B 191 36.46 7.10 -30.80
C SER B 191 36.26 5.65 -31.18
C SER B 191 36.26 5.64 -31.17
N TYR B 192 35.06 5.13 -31.00
CA TYR B 192 34.83 3.74 -31.38
C TYR B 192 33.68 3.59 -32.34
N THR B 193 33.87 2.73 -33.33
CA THR B 193 32.84 2.47 -34.34
C THR B 193 32.53 0.99 -34.42
N ALA B 194 31.35 0.68 -34.95
CA ALA B 194 30.91 -0.71 -35.10
C ALA B 194 29.74 -0.77 -36.07
N ASP B 195 29.27 -1.97 -36.35
CA ASP B 195 28.14 -2.17 -37.25
C ASP B 195 26.83 -2.05 -36.49
N LYS B 196 26.86 -2.47 -35.22
CA LYS B 196 25.67 -2.45 -34.39
C LYS B 196 25.96 -1.87 -33.00
N LEU B 197 24.91 -1.33 -32.38
CA LEU B 197 25.03 -0.74 -31.04
C LEU B 197 23.94 -1.22 -30.09
N ILE B 198 24.33 -1.51 -28.86
CA ILE B 198 23.38 -1.93 -27.85
C ILE B 198 23.49 -0.88 -26.74
N VAL B 199 22.35 -0.29 -26.37
CA VAL B 199 22.32 0.72 -25.34
C VAL B 199 21.60 0.18 -24.10
N SER B 200 22.34 0.07 -23.00
CA SER B 200 21.77 -0.46 -21.75
C SER B 200 22.46 0.21 -20.57
N MET B 201 22.20 1.51 -20.42
CA MET B 201 22.83 2.31 -19.37
C MET B 201 22.08 2.40 -18.05
N GLY B 202 21.08 1.55 -17.86
CA GLY B 202 20.33 1.57 -16.62
C GLY B 202 19.67 2.90 -16.27
N ALA B 203 19.89 3.36 -15.05
CA ALA B 203 19.32 4.61 -14.58
C ALA B 203 19.72 5.79 -15.47
N TRP B 204 20.86 5.68 -16.12
CA TRP B 204 21.35 6.75 -16.97
C TRP B 204 20.65 6.83 -18.32
N ASN B 205 19.83 5.81 -18.63
CA ASN B 205 19.07 5.82 -19.88
C ASN B 205 18.13 7.02 -19.85
N SER B 206 17.63 7.34 -18.66
CA SER B 206 16.69 8.45 -18.49
C SER B 206 17.33 9.82 -18.75
N LYS B 207 18.65 9.84 -18.92
CA LYS B 207 19.36 11.10 -19.18
C LYS B 207 20.09 11.14 -20.52
N LEU B 208 20.47 9.97 -21.03
CA LEU B 208 21.23 9.93 -22.27
C LEU B 208 20.53 9.42 -23.53
N LEU B 209 19.31 8.89 -23.40
CA LEU B 209 18.61 8.42 -24.59
C LEU B 209 18.21 9.62 -25.45
N SER B 210 18.22 10.80 -24.85
CA SER B 210 17.88 12.01 -25.58
C SER B 210 18.97 12.24 -26.65
N LYS B 211 20.17 11.73 -26.39
CA LYS B 211 21.28 11.86 -27.34
C LYS B 211 21.05 10.97 -28.55
N LEU B 212 19.97 10.19 -28.50
CA LEU B 212 19.61 9.30 -29.59
C LEU B 212 18.27 9.73 -30.17
N ASN B 213 17.94 11.00 -29.96
CA ASN B 213 16.70 11.58 -30.45
C ASN B 213 15.46 10.90 -29.88
N LEU B 214 15.60 10.32 -28.70
CA LEU B 214 14.46 9.64 -28.06
C LEU B 214 13.97 10.39 -26.82
N ASP B 215 12.66 10.53 -26.72
CA ASP B 215 12.04 11.21 -25.59
C ASP B 215 11.13 10.20 -24.91
N ILE B 216 11.65 9.48 -23.94
CA ILE B 216 10.88 8.46 -23.24
C ILE B 216 10.84 8.71 -21.74
N PRO B 217 9.64 8.84 -21.18
CA PRO B 217 9.53 9.06 -19.73
C PRO B 217 10.13 7.90 -18.96
N LEU B 218 11.24 8.18 -18.27
CA LEU B 218 11.92 7.18 -17.44
C LEU B 218 12.26 7.86 -16.13
N GLN B 219 11.80 7.29 -15.02
CA GLN B 219 12.04 7.87 -13.71
C GLN B 219 12.88 6.98 -12.79
N PRO B 220 14.09 7.47 -12.42
CA PRO B 220 14.96 6.69 -11.54
C PRO B 220 14.48 6.84 -10.09
N TYR B 221 14.55 5.76 -9.32
CA TYR B 221 14.14 5.76 -7.92
C TYR B 221 15.24 5.22 -7.02
N ARG B 222 15.39 5.83 -5.85
CA ARG B 222 16.39 5.39 -4.87
C ARG B 222 15.73 4.28 -4.06
N GLN B 223 16.29 3.09 -4.13
CA GLN B 223 15.73 1.93 -3.42
C GLN B 223 16.77 1.29 -2.51
N VAL B 224 16.51 1.29 -1.21
CA VAL B 224 17.44 0.72 -0.26
C VAL B 224 17.02 -0.67 0.20
N VAL B 225 17.98 -1.39 0.76
CA VAL B 225 17.75 -2.72 1.31
C VAL B 225 18.60 -2.79 2.56
N GLY B 226 18.17 -3.60 3.53
CA GLY B 226 18.93 -3.74 4.75
C GLY B 226 19.06 -5.18 5.19
N PHE B 227 20.20 -5.50 5.82
CA PHE B 227 20.47 -6.82 6.35
C PHE B 227 20.33 -6.71 7.87
N PHE B 228 19.52 -7.58 8.46
CA PHE B 228 19.26 -7.55 9.89
C PHE B 228 19.64 -8.85 10.60
N GLU B 229 20.23 -8.72 11.79
CA GLU B 229 20.61 -9.88 12.58
C GLU B 229 19.30 -10.61 12.87
N SER B 230 19.24 -11.90 12.58
CA SER B 230 18.00 -12.65 12.79
C SER B 230 18.20 -13.99 13.50
N ASP B 231 17.08 -14.59 13.89
CA ASP B 231 17.09 -15.88 14.55
C ASP B 231 17.42 -16.89 13.46
N GLU B 232 18.67 -17.34 13.44
CA GLU B 232 19.12 -18.27 12.42
C GLU B 232 18.37 -19.59 12.39
N SER B 233 17.86 -20.02 13.54
CA SER B 233 17.11 -21.28 13.60
C SER B 233 15.79 -21.14 12.84
N LYS B 234 15.48 -19.92 12.40
CA LYS B 234 14.25 -19.69 11.66
C LYS B 234 14.43 -19.06 10.28
N TYR B 235 15.30 -18.06 10.17
CA TYR B 235 15.47 -17.36 8.91
C TYR B 235 16.64 -17.74 8.01
N SER B 236 17.37 -18.79 8.38
CA SER B 236 18.51 -19.23 7.58
C SER B 236 18.09 -20.03 6.36
N ASN B 237 18.82 -19.84 5.27
CA ASN B 237 18.55 -20.59 4.05
C ASN B 237 18.72 -22.07 4.39
N ASP B 238 19.60 -22.35 5.34
CA ASP B 238 19.90 -23.72 5.78
C ASP B 238 18.67 -24.42 6.36
N ILE B 239 17.75 -23.64 6.92
CA ILE B 239 16.54 -24.23 7.49
C ILE B 239 15.36 -23.96 6.56
N ASP B 240 15.70 -23.73 5.30
CA ASP B 240 14.73 -23.49 4.23
C ASP B 240 13.80 -22.28 4.31
N PHE B 241 14.26 -21.21 4.95
CA PHE B 241 13.42 -20.01 4.98
C PHE B 241 13.50 -19.55 3.52
N PRO B 242 12.35 -19.25 2.91
CA PRO B 242 12.30 -18.83 1.51
C PRO B 242 12.55 -17.37 1.19
N GLY B 243 12.79 -17.12 -0.09
CA GLY B 243 12.94 -15.74 -0.54
C GLY B 243 11.47 -15.34 -0.60
N PHE B 244 11.18 -14.04 -0.65
CA PHE B 244 9.79 -13.64 -0.68
C PHE B 244 9.52 -12.26 -1.27
N MET B 245 8.28 -12.08 -1.70
CA MET B 245 7.82 -10.82 -2.26
C MET B 245 6.34 -10.85 -1.90
N VAL B 246 5.92 -9.91 -1.06
CA VAL B 246 4.55 -9.89 -0.58
C VAL B 246 3.87 -8.53 -0.64
N GLU B 247 2.54 -8.55 -0.63
CA GLU B 247 1.79 -7.30 -0.64
C GLU B 247 0.94 -7.20 0.61
N VAL B 248 1.17 -6.13 1.36
CA VAL B 248 0.43 -5.84 2.58
C VAL B 248 -0.29 -4.52 2.35
N PRO B 249 -1.17 -4.11 3.29
CA PRO B 249 -1.91 -2.86 3.13
C PRO B 249 -1.09 -1.65 2.67
N ASN B 250 0.12 -1.49 3.18
CA ASN B 250 0.92 -0.33 2.80
C ASN B 250 1.98 -0.54 1.71
N GLY B 251 1.83 -1.58 0.90
CA GLY B 251 2.79 -1.80 -0.17
C GLY B 251 3.35 -3.20 -0.34
N ILE B 252 4.33 -3.30 -1.24
CA ILE B 252 4.99 -4.56 -1.55
C ILE B 252 6.41 -4.57 -1.00
N TYR B 253 6.77 -5.68 -0.34
CA TYR B 253 8.10 -5.86 0.24
C TYR B 253 8.68 -7.17 -0.26
N TYR B 254 10.01 -7.24 -0.34
CA TYR B 254 10.67 -8.45 -0.79
C TYR B 254 11.81 -8.75 0.17
N GLY B 255 12.20 -10.02 0.26
CA GLY B 255 13.27 -10.39 1.16
C GLY B 255 13.97 -11.68 0.82
N PHE B 256 15.08 -11.91 1.52
CA PHE B 256 15.91 -13.07 1.30
C PHE B 256 16.28 -13.71 2.62
N PRO B 257 16.43 -15.05 2.65
CA PRO B 257 16.80 -15.71 3.91
C PRO B 257 18.24 -15.35 4.21
N SER B 258 18.67 -15.59 5.45
CA SER B 258 20.05 -15.30 5.84
C SER B 258 20.96 -16.37 5.24
N PHE B 259 22.00 -15.93 4.53
CA PHE B 259 22.96 -16.87 3.94
C PHE B 259 24.24 -16.85 4.76
N GLY B 260 24.63 -18.00 5.29
CA GLY B 260 25.85 -18.06 6.09
C GLY B 260 25.81 -17.05 7.22
N GLY B 261 24.64 -16.88 7.83
CA GLY B 261 24.49 -15.94 8.93
C GLY B 261 24.64 -14.47 8.59
N CYS B 262 24.48 -14.10 7.32
CA CYS B 262 24.60 -12.70 6.91
C CYS B 262 23.41 -11.87 7.39
N GLY B 263 22.33 -12.54 7.75
CA GLY B 263 21.13 -11.86 8.22
C GLY B 263 20.07 -11.75 7.14
N LEU B 264 18.81 -11.71 7.55
CA LEU B 264 17.74 -11.60 6.59
C LEU B 264 17.85 -10.24 5.91
N LYS B 265 17.60 -10.20 4.61
CA LYS B 265 17.67 -8.96 3.84
C LYS B 265 16.26 -8.58 3.41
N LEU B 266 15.92 -7.31 3.58
CA LEU B 266 14.59 -6.82 3.23
C LEU B 266 14.63 -5.51 2.45
N GLY B 267 13.63 -5.35 1.59
CA GLY B 267 13.50 -4.14 0.80
C GLY B 267 12.03 -3.76 0.61
N TYR B 268 11.77 -2.46 0.51
CA TYR B 268 10.42 -1.92 0.33
C TYR B 268 10.36 -1.60 -1.17
N HIS B 269 9.54 -2.35 -1.89
CA HIS B 269 9.41 -2.24 -3.34
C HIS B 269 8.58 -1.10 -3.94
N THR B 270 7.42 -0.82 -3.37
CA THR B 270 6.52 0.20 -3.90
C THR B 270 6.84 1.67 -3.60
N PHE B 271 7.83 1.91 -2.75
CA PHE B 271 8.21 3.28 -2.43
C PHE B 271 9.71 3.50 -2.60
N GLY B 272 10.06 4.69 -3.07
CA GLY B 272 11.46 5.05 -3.25
C GLY B 272 11.52 6.54 -3.58
N GLN B 273 12.65 7.19 -3.28
CA GLN B 273 12.78 8.62 -3.57
C GLN B 273 13.08 8.81 -5.06
N LYS B 274 12.46 9.80 -5.68
CA LYS B 274 12.74 10.08 -7.09
C LYS B 274 14.09 10.78 -7.10
N ILE B 275 15.03 10.26 -7.88
CA ILE B 275 16.35 10.84 -7.94
C ILE B 275 16.94 10.90 -9.33
N ASP B 276 18.18 11.37 -9.40
CA ASP B 276 18.95 11.46 -10.64
C ASP B 276 20.17 10.60 -10.32
N PRO B 277 20.54 9.67 -11.21
CA PRO B 277 21.70 8.80 -10.98
C PRO B 277 23.02 9.51 -10.69
N ASP B 278 23.14 10.78 -11.05
CA ASP B 278 24.37 11.51 -10.82
C ASP B 278 24.40 12.30 -9.52
N THR B 279 23.25 12.44 -8.85
CA THR B 279 23.20 13.19 -7.60
C THR B 279 22.54 12.43 -6.44
N ILE B 280 22.21 11.17 -6.67
CA ILE B 280 21.58 10.34 -5.64
C ILE B 280 22.55 10.15 -4.46
N ASN B 281 22.01 10.12 -3.25
CA ASN B 281 22.83 9.90 -2.05
C ASN B 281 22.82 8.39 -1.80
N ARG B 282 23.98 7.75 -1.97
CA ARG B 282 24.08 6.32 -1.80
C ARG B 282 24.44 5.82 -0.39
N GLU B 283 24.22 6.65 0.61
CA GLU B 283 24.50 6.26 1.97
C GLU B 283 23.21 5.80 2.63
N PHE B 284 23.21 4.59 3.16
CA PHE B 284 22.02 4.07 3.81
C PHE B 284 21.79 4.72 5.17
N GLY B 285 20.56 5.18 5.40
CA GLY B 285 20.22 5.79 6.66
C GLY B 285 20.05 7.31 6.71
N VAL B 286 20.40 8.00 5.63
CA VAL B 286 20.28 9.47 5.61
C VAL B 286 18.81 9.91 5.64
N TYR B 287 17.92 8.99 5.25
CA TYR B 287 16.50 9.27 5.27
C TYR B 287 15.95 8.38 6.39
N PRO B 288 15.10 8.93 7.25
CA PRO B 288 14.58 8.07 8.32
C PRO B 288 13.81 6.86 7.78
N GLU B 289 13.20 7.02 6.60
CA GLU B 289 12.43 5.93 5.99
C GLU B 289 13.28 4.71 5.63
N ASP B 290 14.56 4.93 5.30
CA ASP B 290 15.46 3.83 4.93
C ASP B 290 15.32 2.64 5.88
N GLU B 291 15.52 2.89 7.16
CA GLU B 291 15.45 1.84 8.16
C GLU B 291 14.06 1.64 8.77
N SER B 292 13.34 2.73 9.03
CA SER B 292 12.02 2.62 9.65
C SER B 292 10.99 1.85 8.83
N ASN B 293 10.97 2.08 7.51
CA ASN B 293 10.03 1.37 6.65
C ASN B 293 10.24 -0.14 6.70
N LEU B 294 11.51 -0.55 6.79
CA LEU B 294 11.83 -1.96 6.84
C LEU B 294 11.44 -2.58 8.17
N ARG B 295 11.83 -1.94 9.27
CA ARG B 295 11.50 -2.47 10.60
C ARG B 295 10.00 -2.54 10.86
N ALA B 296 9.24 -1.64 10.27
CA ALA B 296 7.79 -1.61 10.45
C ALA B 296 7.20 -2.91 9.92
N PHE B 297 7.77 -3.41 8.83
CA PHE B 297 7.31 -4.66 8.22
C PHE B 297 7.75 -5.85 9.06
N LEU B 298 9.02 -5.86 9.44
CA LEU B 298 9.57 -6.96 10.23
C LEU B 298 8.90 -7.19 11.58
N GLU B 299 8.69 -6.13 12.36
CA GLU B 299 8.08 -6.31 13.67
C GLU B 299 6.68 -6.91 13.57
N GLU B 300 6.00 -6.67 12.45
CA GLU B 300 4.66 -7.20 12.26
C GLU B 300 4.60 -8.59 11.65
N TYR B 301 5.41 -8.85 10.62
CA TYR B 301 5.39 -10.12 9.91
C TYR B 301 6.53 -11.11 10.15
N MET B 302 7.68 -10.62 10.56
CA MET B 302 8.83 -11.49 10.79
C MET B 302 9.64 -10.89 11.95
N PRO B 303 9.01 -10.82 13.14
CA PRO B 303 9.63 -10.26 14.35
C PRO B 303 10.99 -10.82 14.76
N GLY B 304 11.23 -12.10 14.47
CA GLY B 304 12.51 -12.71 14.81
C GLY B 304 13.67 -12.24 13.95
N ALA B 305 13.36 -11.46 12.91
CA ALA B 305 14.39 -10.94 12.00
C ALA B 305 14.57 -9.43 12.15
N ASN B 306 13.97 -8.87 13.19
CA ASN B 306 14.03 -7.43 13.44
C ASN B 306 15.21 -7.08 14.37
N GLY B 307 16.37 -7.69 14.12
CA GLY B 307 17.53 -7.43 14.95
C GLY B 307 18.38 -6.25 14.53
N GLU B 308 19.63 -6.23 14.98
CA GLU B 308 20.54 -5.13 14.67
C GLU B 308 20.85 -5.06 13.18
N LEU B 309 20.89 -3.84 12.66
CA LEU B 309 21.20 -3.61 11.25
C LEU B 309 22.66 -3.95 11.01
N LYS B 310 22.90 -4.96 10.17
CA LYS B 310 24.26 -5.40 9.89
C LYS B 310 24.85 -4.74 8.66
N ARG B 311 24.00 -4.42 7.69
CA ARG B 311 24.48 -3.82 6.45
C ARG B 311 23.34 -3.16 5.68
N GLY B 312 23.69 -2.15 4.89
CA GLY B 312 22.69 -1.46 4.09
C GLY B 312 23.26 -1.17 2.72
N ALA B 313 22.38 -1.01 1.74
CA ALA B 313 22.82 -0.70 0.38
C ALA B 313 21.80 0.23 -0.27
N VAL B 314 22.28 1.09 -1.16
CA VAL B 314 21.42 2.03 -1.86
C VAL B 314 21.55 1.71 -3.34
N CYS B 315 20.43 1.38 -3.96
CA CYS B 315 20.43 1.00 -5.37
C CYS B 315 19.30 1.71 -6.12
N MET B 316 19.19 1.53 -7.43
CA MET B 316 18.17 2.24 -8.22
C MET B 316 17.26 1.42 -9.14
N TYR B 317 16.02 1.90 -9.28
CA TYR B 317 15.02 1.33 -10.16
C TYR B 317 14.89 2.39 -11.25
N THR B 318 14.51 1.97 -12.45
CA THR B 318 14.29 2.91 -13.55
C THR B 318 12.93 2.52 -14.12
N LYS B 319 11.90 3.27 -13.74
CA LYS B 319 10.54 2.96 -14.17
C LYS B 319 9.99 3.64 -15.42
N THR B 320 9.23 2.86 -16.19
CA THR B 320 8.55 3.34 -17.37
C THR B 320 7.14 3.58 -16.82
N LEU B 321 6.28 4.26 -17.57
CA LEU B 321 4.94 4.54 -17.09
C LEU B 321 4.08 3.31 -16.79
N ASP B 322 4.23 2.25 -17.59
CA ASP B 322 3.45 1.05 -17.38
C ASP B 322 4.21 -0.04 -16.63
N GLU B 323 5.44 0.28 -16.25
CA GLU B 323 6.33 -0.61 -15.53
C GLU B 323 6.77 -1.86 -16.27
N HIS B 324 6.65 -1.82 -17.60
CA HIS B 324 7.08 -2.93 -18.44
C HIS B 324 8.40 -2.49 -19.05
N PHE B 325 9.25 -3.43 -19.41
CA PHE B 325 10.56 -3.08 -19.98
C PHE B 325 10.49 -2.49 -21.38
N ILE B 326 11.65 -2.03 -21.83
CA ILE B 326 11.82 -1.50 -23.17
C ILE B 326 12.93 -2.35 -23.77
N ILE B 327 12.58 -3.19 -24.74
CA ILE B 327 13.55 -4.04 -25.43
C ILE B 327 13.09 -3.99 -26.87
N ASP B 328 13.83 -3.25 -27.70
CA ASP B 328 13.42 -3.09 -29.08
C ASP B 328 14.52 -2.38 -29.87
N LEU B 329 14.35 -2.30 -31.17
CA LEU B 329 15.32 -1.60 -32.00
C LEU B 329 14.93 -0.14 -31.96
N HIS B 330 15.92 0.73 -32.13
CA HIS B 330 15.65 2.17 -32.15
C HIS B 330 14.73 2.36 -33.35
N PRO B 331 13.58 3.04 -33.16
CA PRO B 331 12.65 3.26 -34.27
C PRO B 331 13.21 3.87 -35.56
N GLU B 332 14.30 4.64 -35.45
CA GLU B 332 14.89 5.25 -36.65
C GLU B 332 16.16 4.54 -37.09
N HIS B 333 16.68 3.62 -36.26
CA HIS B 333 17.91 2.93 -36.60
C HIS B 333 17.85 1.45 -36.25
N SER B 334 17.77 0.61 -37.28
CA SER B 334 17.70 -0.82 -37.07
C SER B 334 19.01 -1.38 -36.53
N ASN B 335 20.07 -0.59 -36.60
CA ASN B 335 21.38 -1.03 -36.12
C ASN B 335 21.65 -0.62 -34.67
N VAL B 336 20.60 -0.14 -34.00
CA VAL B 336 20.70 0.26 -32.59
C VAL B 336 19.65 -0.49 -31.80
N VAL B 337 20.07 -1.08 -30.68
CA VAL B 337 19.16 -1.84 -29.83
C VAL B 337 19.08 -1.16 -28.48
N ILE B 338 17.87 -1.03 -27.94
CA ILE B 338 17.67 -0.37 -26.66
C ILE B 338 17.14 -1.35 -25.60
N ALA B 339 17.70 -1.24 -24.40
CA ALA B 339 17.31 -2.07 -23.27
C ALA B 339 17.21 -1.08 -22.11
N ALA B 340 15.98 -0.73 -21.73
CA ALA B 340 15.80 0.24 -20.64
C ALA B 340 14.49 0.08 -19.87
N GLY B 341 14.36 0.87 -18.80
CA GLY B 341 13.16 0.86 -17.98
C GLY B 341 12.73 -0.47 -17.38
N PHE B 342 13.67 -1.20 -16.78
CA PHE B 342 13.34 -2.48 -16.20
C PHE B 342 12.49 -2.40 -14.94
N SER B 343 12.12 -1.17 -14.61
CA SER B 343 11.23 -0.84 -13.49
C SER B 343 11.30 -1.66 -12.20
N GLY B 344 12.49 -1.96 -11.73
CA GLY B 344 12.62 -2.70 -10.48
C GLY B 344 12.36 -4.20 -10.49
N HIS B 345 12.32 -4.83 -11.65
CA HIS B 345 12.10 -6.28 -11.68
C HIS B 345 12.75 -6.95 -12.88
N GLY B 346 13.86 -6.39 -13.34
CA GLY B 346 14.52 -6.97 -14.50
C GLY B 346 15.72 -7.89 -14.32
N PHE B 347 16.36 -7.90 -13.16
CA PHE B 347 17.54 -8.76 -13.06
C PHE B 347 17.31 -10.23 -13.38
N LYS B 348 16.26 -10.82 -12.84
CA LYS B 348 15.98 -12.23 -13.08
C LYS B 348 15.96 -12.58 -14.57
N PHE B 349 15.58 -11.59 -15.38
CA PHE B 349 15.49 -11.77 -16.82
C PHE B 349 16.78 -11.40 -17.56
N SER B 350 17.75 -10.81 -16.87
CA SER B 350 18.97 -10.38 -17.53
C SER B 350 19.68 -11.42 -18.41
N SER B 351 19.70 -12.68 -18.00
CA SER B 351 20.34 -13.71 -18.80
C SER B 351 19.55 -13.86 -20.10
N GLY B 352 18.23 -13.94 -19.99
CA GLY B 352 17.39 -14.09 -21.17
C GLY B 352 17.44 -12.85 -22.06
N VAL B 353 17.48 -11.67 -21.44
CA VAL B 353 17.52 -10.42 -22.18
C VAL B 353 18.85 -10.30 -22.94
N GLY B 354 19.92 -10.79 -22.35
CA GLY B 354 21.20 -10.74 -23.03
C GLY B 354 21.11 -11.51 -24.33
N GLU B 355 20.39 -12.63 -24.29
CA GLU B 355 20.21 -13.46 -25.48
C GLU B 355 19.37 -12.70 -26.49
N VAL B 356 18.29 -12.07 -26.03
CA VAL B 356 17.42 -11.30 -26.92
C VAL B 356 18.20 -10.16 -27.58
N LEU B 357 18.96 -9.42 -26.78
CA LEU B 357 19.73 -8.30 -27.31
C LEU B 357 20.74 -8.75 -28.35
N SER B 358 21.34 -9.92 -28.11
N SER B 358 21.35 -9.91 -28.12
CA SER B 358 22.32 -10.47 -29.03
CA SER B 358 22.33 -10.45 -29.05
C SER B 358 21.66 -10.73 -30.38
C SER B 358 21.66 -10.73 -30.40
N GLN B 359 20.47 -11.34 -30.33
CA GLN B 359 19.71 -11.66 -31.54
C GLN B 359 19.26 -10.40 -32.28
N LEU B 360 18.78 -9.41 -31.55
CA LEU B 360 18.33 -8.16 -32.17
C LEU B 360 19.50 -7.45 -32.86
N ALA B 361 20.65 -7.42 -32.19
CA ALA B 361 21.82 -6.76 -32.72
C ALA B 361 22.34 -7.43 -34.00
N LEU B 362 22.38 -8.75 -33.99
CA LEU B 362 22.88 -9.51 -35.14
C LEU B 362 21.88 -9.76 -36.27
N THR B 363 20.61 -9.94 -35.94
CA THR B 363 19.61 -10.22 -36.98
C THR B 363 18.46 -9.22 -37.10
N GLY B 364 18.33 -8.32 -36.13
CA GLY B 364 17.24 -7.37 -36.17
C GLY B 364 15.94 -8.00 -35.70
N LYS B 365 16.04 -9.28 -35.31
CA LYS B 365 14.87 -10.02 -34.84
C LYS B 365 15.26 -10.93 -33.67
N THR B 366 14.27 -11.48 -32.99
CA THR B 366 14.52 -12.39 -31.87
C THR B 366 13.46 -13.48 -31.84
N GLU B 367 13.84 -14.67 -31.39
CA GLU B 367 12.91 -15.79 -31.30
C GLU B 367 11.93 -15.61 -30.16
N HIS B 368 12.28 -14.76 -29.19
CA HIS B 368 11.40 -14.52 -28.05
C HIS B 368 10.30 -13.52 -28.40
N ASP B 369 9.17 -13.65 -27.72
CA ASP B 369 8.05 -12.74 -27.92
C ASP B 369 8.36 -11.53 -27.05
N ILE B 370 8.60 -10.39 -27.67
CA ILE B 370 8.92 -9.19 -26.92
C ILE B 370 7.97 -8.04 -27.24
N SER B 371 6.77 -8.40 -27.69
CA SER B 371 5.76 -7.42 -28.07
C SER B 371 5.42 -6.41 -26.98
N ILE B 372 5.22 -6.88 -25.76
CA ILE B 372 4.86 -5.99 -24.67
C ILE B 372 5.97 -5.03 -24.24
N PHE B 373 7.17 -5.23 -24.78
CA PHE B 373 8.30 -4.36 -24.44
C PHE B 373 8.59 -3.39 -25.57
N SER B 374 7.68 -3.34 -26.55
CA SER B 374 7.83 -2.45 -27.70
C SER B 374 8.08 -1.01 -27.32
N ILE B 375 8.99 -0.36 -28.04
CA ILE B 375 9.32 1.04 -27.79
C ILE B 375 8.24 1.95 -28.40
N ASN B 376 7.37 1.36 -29.22
CA ASN B 376 6.30 2.11 -29.88
C ASN B 376 4.94 1.99 -29.18
N ARG B 377 4.88 1.23 -28.09
CA ARG B 377 3.60 1.07 -27.41
C ARG B 377 3.09 2.40 -26.82
N PRO B 378 1.78 2.65 -26.92
CA PRO B 378 1.09 3.86 -26.44
C PRO B 378 1.32 4.23 -24.97
N ALA B 379 1.17 3.26 -24.08
CA ALA B 379 1.32 3.50 -22.64
C ALA B 379 2.70 4.00 -22.23
N LEU B 380 3.68 3.83 -23.12
CA LEU B 380 5.04 4.26 -22.84
C LEU B 380 5.17 5.78 -22.95
N LYS B 381 4.39 6.34 -23.88
CA LYS B 381 4.40 7.78 -24.16
C LYS B 381 5.75 8.17 -24.74
N GLU B 382 6.28 7.32 -25.61
CA GLU B 382 7.56 7.56 -26.28
C GLU B 382 7.36 8.39 -27.53
N SER B 383 8.35 9.20 -27.86
CA SER B 383 8.28 10.04 -29.05
C SER B 383 9.68 10.46 -29.48
N LEU B 384 9.73 11.04 -30.67
CA LEU B 384 10.98 11.51 -31.26
C LEU B 384 11.10 13.00 -30.98
N GLN B 385 12.32 13.49 -30.79
CA GLN B 385 12.49 14.90 -30.57
C GLN B 385 12.17 15.70 -31.84
CL CL C . -12.82 3.44 14.93
CL CL D . 6.13 5.39 5.42
PA FCG E . -16.05 7.80 20.18
O1A FCG E . -16.78 8.67 19.28
O2A FCG E . -14.61 8.02 20.54
O5B FCG E . -16.88 7.63 21.50
C5B FCG E . -16.48 6.85 22.67
C4B FCG E . -16.79 7.66 23.84
O4B FCG E . -16.77 6.91 25.04
C1B FCG E . -16.16 7.58 26.09
N9A FCG E . -15.57 6.78 27.12
C4A FCG E . -16.05 6.55 28.37
N3A FCG E . -17.25 7.06 28.93
C2A FCG E . -17.48 6.63 30.26
N1A FCG E . -16.63 5.78 30.96
C6A FCG E . -15.46 5.31 30.35
N6A FCG E . -14.62 4.49 31.04
C5A FCG E . -15.12 5.69 28.98
N7A FCG E . -14.10 5.42 28.14
C8A FCG E . -14.39 6.06 27.05
C2B FCG E . -15.27 8.72 25.45
O2B FCG E . -15.02 9.89 26.23
C3B FCG E . -15.91 8.90 24.09
O3B FCG E . -16.73 10.08 24.09
O3P FCG E . -16.03 6.27 19.59
P FCG E . -17.36 5.47 18.92
O1P FCG E . -16.95 4.10 19.10
O2P FCG E . -18.60 6.03 19.53
O5' FCG E . -17.27 5.91 17.42
C5' FCG E . -16.19 5.49 16.44
C4' FCG E . -16.21 6.52 15.37
O4' FCG E . -16.04 7.83 15.76
C3' FCG E . -15.05 6.02 14.26
O3' FCG E . -15.31 4.70 13.85
C2' FCG E . -15.11 7.00 13.06
O2' FCG E . -14.77 8.37 13.52
C1' FCG E . -14.08 6.50 12.15
N10 FCG E . -13.55 7.47 11.08
C10 FCG E . -14.31 7.58 9.82
N1 FCG E . -15.49 6.91 9.66
C2 FCG E . -16.34 7.11 8.55
O2 FCG E . -17.35 6.50 8.42
N3 FCG E . -15.89 8.13 7.72
C4 FCG E . -14.74 8.93 7.84
O4 FCG E . -14.57 10.00 7.29
C4X FCG E . -13.56 8.26 8.73
N5 FCG E . -12.50 9.20 8.97
C9A FCG E . -12.33 8.28 11.34
C5X FCG E . -11.83 9.15 10.24
C9 FCG E . -11.64 8.31 12.62
C6 FCG E . -10.60 9.98 10.50
C7 FCG E . -9.94 9.97 11.75
C7M FCG E . -8.69 10.84 11.96
C11 FCG E . -12.79 7.18 7.83
C12 FCG E . -11.97 8.09 6.86
C13 FCG E . -11.60 9.33 7.78
O14 FCG E . -11.92 10.65 7.22
C8M FCG E . -10.13 9.01 14.09
C8 FCG E . -10.56 9.08 12.83
P PO4 F . 8.07 -22.89 -9.96
O1 PO4 F . 9.28 -22.02 -9.91
O2 PO4 F . 7.89 -23.55 -8.63
O3 PO4 F . 6.88 -22.06 -10.26
O4 PO4 F . 8.23 -23.92 -11.00
CL CL G . 15.32 -1.10 -12.75
PA FCG H . 22.65 -1.69 -14.43
O1A FCG H . 22.83 -3.07 -14.01
O2A FCG H . 22.71 -0.55 -13.47
O5B FCG H . 23.59 -1.41 -15.63
C5B FCG H . 23.72 -0.12 -16.33
C4B FCG H . 25.14 0.10 -16.54
O4B FCG H . 25.39 1.10 -17.50
C1B FCG H . 26.41 1.97 -17.12
N9A FCG H . 26.39 3.30 -17.64
C4A FCG H . 27.15 3.82 -18.64
N3A FCG H . 28.16 3.17 -19.36
C2A FCG H . 28.78 3.97 -20.35
N1A FCG H . 28.44 5.29 -20.58
C6A FCG H . 27.43 5.90 -19.83
N6A FCG H . 27.09 7.20 -20.06
C5A FCG H . 26.72 5.15 -18.79
N7A FCG H . 25.72 5.43 -17.91
C8A FCG H . 25.54 4.32 -17.26
C2B FCG H . 26.60 1.80 -15.58
O2B FCG H . 27.90 2.05 -15.01
C3B FCG H . 25.97 0.43 -15.30
O3B FCG H . 27.01 -0.53 -15.12
O3P FCG H . 21.15 -1.53 -15.08
P FCG H . 20.46 -2.60 -16.19
O1P FCG H . 19.50 -1.72 -16.82
O2P FCG H . 21.53 -3.29 -16.92
O5' FCG H . 19.77 -3.62 -15.22
C5' FCG H . 18.56 -3.32 -14.35
C4' FCG H . 18.60 -4.37 -13.27
O4' FCG H . 19.76 -4.45 -12.54
C3' FCG H . 17.24 -4.08 -12.34
O3' FCG H . 16.09 -4.06 -13.17
C2' FCG H . 17.17 -5.22 -11.28
O2' FCG H . 18.35 -5.16 -10.40
C1' FCG H . 15.95 -4.87 -10.51
N10 FCG H . 15.82 -5.50 -9.11
C10 FCG H . 15.24 -6.84 -9.03
N1 FCG H . 14.93 -7.54 -10.17
C2 FCG H . 14.55 -8.91 -10.15
O2 FCG H . 14.26 -9.50 -11.16
N3 FCG H . 14.63 -9.46 -8.88
C4 FCG H . 15.00 -8.85 -7.66
O4 FCG H . 15.39 -9.45 -6.68
C4X FCG H . 14.84 -7.24 -7.65
N5 FCG H . 15.43 -6.67 -6.46
C9A FCG H . 16.29 -4.77 -7.91
C5X FCG H . 16.07 -5.40 -6.58
C9 FCG H . 16.99 -3.50 -7.96
C6 FCG H . 16.55 -4.67 -5.34
C7 FCG H . 17.21 -3.41 -5.45
C7M FCG H . 17.70 -2.73 -4.16
C11 FCG H . 13.28 -6.90 -7.41
C12 FCG H . 13.11 -7.24 -5.91
C13 FCG H . 14.52 -6.84 -5.29
O14 FCG H . 15.19 -7.86 -4.47
C8M FCG H . 18.10 -1.80 -7.13
C8 FCG H . 17.43 -2.89 -6.85
#